data_3IWZ
#
_entry.id   3IWZ
#
_cell.length_a   67.690
_cell.length_b   67.690
_cell.length_c   110.370
_cell.angle_alpha   90.00
_cell.angle_beta   104.20
_cell.angle_gamma   90.00
#
_symmetry.space_group_name_H-M   'P 1 21 1'
#
loop_
_entity.id
_entity.type
_entity.pdbx_description
1 polymer 'Catabolite activation-like protein'
2 water water
#
_entity_poly.entity_id   1
_entity_poly.type   'polypeptide(L)'
_entity_poly.pdbx_seq_one_letter_code
;MSLGNTTVVTTTVRNATPSLTLDAGTIERFLAHSHRRRYPTRTDVFRPGDPAGTLYYVISGSVSIIAEEDDDRELVLGYF
GSGEFVGEMGLFIESDTREVILRTRTQCELAEISYERLQQLFQTSLSPDAPRILYAIGVQLSKRLLDTTRKASRLAFLDV
TDRIVRTLHDLSKEPEAMSHPQGTQLRVSRQELARLVGCSREMAGRVLKKLQADGLLHARGKTVVLYGTR
;
_entity_poly.pdbx_strand_id   A,B,C,D
#
# COMPACT_ATOMS: atom_id res chain seq x y z
N LEU A 22 5.43 12.10 -18.84
CA LEU A 22 5.92 10.92 -19.60
C LEU A 22 4.74 10.13 -20.18
N ASP A 23 4.56 10.19 -21.49
CA ASP A 23 3.45 9.49 -22.14
C ASP A 23 3.66 7.99 -22.21
N ALA A 24 2.59 7.27 -22.55
CA ALA A 24 2.61 5.82 -22.64
C ALA A 24 3.58 5.27 -23.68
N GLY A 25 3.76 6.01 -24.76
CA GLY A 25 4.67 5.58 -25.81
C GLY A 25 6.10 5.64 -25.36
N THR A 26 6.51 6.80 -24.85
CA THR A 26 7.87 6.98 -24.37
C THR A 26 8.17 5.86 -23.39
N ILE A 27 7.26 5.64 -22.46
CA ILE A 27 7.43 4.59 -21.44
C ILE A 27 7.61 3.21 -22.05
N GLU A 28 6.70 2.79 -22.93
CA GLU A 28 6.83 1.48 -23.55
C GLU A 28 8.10 1.36 -24.38
N ARG A 29 8.46 2.42 -25.11
CA ARG A 29 9.68 2.40 -25.93
C ARG A 29 10.92 2.21 -25.05
N PHE A 30 10.94 2.89 -23.91
CA PHE A 30 12.04 2.79 -22.96
C PHE A 30 12.12 1.39 -22.35
N LEU A 31 10.96 0.80 -22.05
CA LEU A 31 10.92 -0.53 -21.43
C LEU A 31 11.29 -1.68 -22.36
N ALA A 32 11.23 -1.46 -23.67
CA ALA A 32 11.58 -2.50 -24.62
C ALA A 32 13.03 -2.94 -24.49
N HIS A 33 13.90 -2.01 -24.09
CA HIS A 33 15.31 -2.33 -23.90
C HIS A 33 15.65 -2.65 -22.45
N SER A 34 14.63 -2.64 -21.59
CA SER A 34 14.84 -2.92 -20.17
C SER A 34 14.66 -4.39 -19.85
N HIS A 35 15.22 -4.80 -18.72
CA HIS A 35 15.12 -6.17 -18.25
C HIS A 35 14.17 -6.22 -17.05
N ARG A 36 13.02 -6.86 -17.23
CA ARG A 36 12.05 -6.97 -16.16
C ARG A 36 12.33 -8.11 -15.18
N ARG A 37 12.31 -7.82 -13.88
CA ARG A 37 12.59 -8.81 -12.85
C ARG A 37 11.58 -8.70 -11.70
N ARG A 38 11.17 -9.84 -11.15
CA ARG A 38 10.23 -9.85 -10.04
C ARG A 38 11.00 -9.94 -8.72
N TYR A 39 10.58 -9.18 -7.72
CA TYR A 39 11.26 -9.19 -6.42
C TYR A 39 10.28 -9.45 -5.30
N PRO A 40 10.69 -10.26 -4.32
CA PRO A 40 9.87 -10.59 -3.14
C PRO A 40 9.90 -9.35 -2.27
N THR A 41 9.03 -9.30 -1.26
CA THR A 41 8.99 -8.15 -0.35
C THR A 41 10.21 -8.16 0.57
N ARG A 42 10.41 -7.05 1.28
CA ARG A 42 11.53 -6.93 2.23
C ARG A 42 12.87 -7.29 1.61
N THR A 43 13.03 -7.01 0.34
CA THR A 43 14.28 -7.35 -0.34
C THR A 43 15.11 -6.13 -0.69
N ASP A 44 16.38 -6.13 -0.27
CA ASP A 44 17.29 -5.04 -0.59
C ASP A 44 17.80 -5.21 -2.03
N VAL A 45 17.34 -4.35 -2.93
CA VAL A 45 17.76 -4.44 -4.33
C VAL A 45 19.24 -4.06 -4.45
N PHE A 46 19.69 -3.19 -3.55
CA PHE A 46 21.08 -2.77 -3.50
C PHE A 46 21.31 -1.99 -2.21
N ARG A 47 22.55 -2.00 -1.73
CA ARG A 47 22.90 -1.30 -0.49
C ARG A 47 24.12 -0.44 -0.75
N PRO A 48 24.44 0.47 0.19
CA PRO A 48 25.62 1.33 0.02
C PRO A 48 26.84 0.50 -0.31
N GLY A 49 27.61 0.93 -1.30
CA GLY A 49 28.82 0.21 -1.66
C GLY A 49 28.68 -0.71 -2.87
N ASP A 50 27.46 -1.05 -3.23
CA ASP A 50 27.24 -1.93 -4.37
C ASP A 50 27.57 -1.24 -5.68
N PRO A 51 27.97 -2.02 -6.69
CA PRO A 51 28.29 -1.39 -7.98
C PRO A 51 27.09 -0.59 -8.46
N ALA A 52 27.34 0.64 -8.91
CA ALA A 52 26.31 1.53 -9.40
C ALA A 52 26.43 1.60 -10.92
N GLY A 53 25.72 0.72 -11.60
CA GLY A 53 25.78 0.70 -13.05
C GLY A 53 24.44 0.55 -13.73
N THR A 54 23.37 0.47 -12.96
CA THR A 54 22.07 0.30 -13.58
C THR A 54 20.97 1.21 -13.04
N LEU A 55 19.98 1.45 -13.88
CA LEU A 55 18.84 2.27 -13.54
C LEU A 55 17.63 1.35 -13.42
N TYR A 56 16.78 1.59 -12.42
CA TYR A 56 15.57 0.77 -12.24
C TYR A 56 14.34 1.65 -12.44
N TYR A 57 13.29 1.04 -12.98
CA TYR A 57 12.00 1.72 -13.22
C TYR A 57 10.98 0.82 -12.52
N VAL A 58 10.20 1.39 -11.61
CA VAL A 58 9.22 0.59 -10.89
C VAL A 58 7.97 0.36 -11.71
N ILE A 59 7.77 -0.88 -12.16
CA ILE A 59 6.59 -1.21 -12.95
C ILE A 59 5.39 -1.46 -12.02
N SER A 60 5.62 -2.23 -10.97
CA SER A 60 4.57 -2.52 -10.02
C SER A 60 5.18 -2.67 -8.64
N GLY A 61 4.35 -2.46 -7.62
CA GLY A 61 4.82 -2.60 -6.26
C GLY A 61 5.32 -1.28 -5.71
N SER A 62 5.84 -1.33 -4.49
CA SER A 62 6.35 -0.16 -3.82
C SER A 62 7.73 -0.44 -3.24
N VAL A 63 8.59 0.57 -3.23
CA VAL A 63 9.94 0.42 -2.68
C VAL A 63 10.31 1.62 -1.80
N SER A 64 11.33 1.45 -0.98
CA SER A 64 11.75 2.55 -0.15
C SER A 64 13.24 2.85 -0.35
N ILE A 65 13.63 4.09 -0.08
CA ILE A 65 15.02 4.53 -0.20
C ILE A 65 15.42 4.85 1.23
N ILE A 66 16.49 4.20 1.70
CA ILE A 66 16.94 4.35 3.07
C ILE A 66 18.39 4.75 3.25
N ALA A 67 18.64 5.72 4.12
CA ALA A 67 20.00 6.17 4.41
C ALA A 67 20.47 5.34 5.59
N GLU A 68 21.69 4.83 5.46
CA GLU A 68 22.29 3.97 6.47
C GLU A 68 23.37 4.70 7.25
N GLU A 69 23.54 4.33 8.51
CA GLU A 69 24.58 4.94 9.36
C GLU A 69 25.57 3.86 9.81
N ASP A 70 26.71 4.33 10.33
CA ASP A 70 27.80 3.46 10.78
C ASP A 70 27.45 2.43 11.86
N ASP A 71 26.36 2.67 12.55
CA ASP A 71 25.90 1.79 13.62
C ASP A 71 24.67 0.99 13.17
N ASP A 72 24.52 0.89 11.85
CA ASP A 72 23.40 0.18 11.24
C ASP A 72 22.04 0.80 11.56
N ARG A 73 22.02 2.10 11.82
CA ARG A 73 20.76 2.79 12.10
C ARG A 73 20.23 3.36 10.79
N GLU A 74 18.93 3.21 10.56
CA GLU A 74 18.34 3.67 9.30
C GLU A 74 17.43 4.89 9.33
N LEU A 75 17.51 5.69 8.28
CA LEU A 75 16.67 6.87 8.10
C LEU A 75 15.90 6.70 6.77
N VAL A 76 14.62 6.36 6.86
CA VAL A 76 13.84 6.18 5.64
C VAL A 76 13.57 7.53 5.01
N LEU A 77 13.97 7.67 3.75
CA LEU A 77 13.81 8.92 3.01
C LEU A 77 12.49 9.02 2.25
N GLY A 78 11.93 7.88 1.85
CA GLY A 78 10.66 7.92 1.13
C GLY A 78 10.18 6.60 0.53
N TYR A 79 8.95 6.61 0.01
CA TYR A 79 8.34 5.46 -0.64
C TYR A 79 8.09 5.79 -2.10
N PHE A 80 8.30 4.81 -2.96
CA PHE A 80 8.13 5.02 -4.40
C PHE A 80 7.40 3.88 -5.07
N GLY A 81 6.44 4.23 -5.92
CA GLY A 81 5.64 3.27 -6.64
C GLY A 81 5.85 3.27 -8.15
N SER A 82 4.85 2.80 -8.87
CA SER A 82 4.88 2.69 -10.34
C SER A 82 5.22 3.97 -11.07
N GLY A 83 6.10 3.87 -12.05
CA GLY A 83 6.51 5.05 -12.82
C GLY A 83 7.74 5.73 -12.26
N GLU A 84 8.16 5.35 -11.07
CA GLU A 84 9.33 5.98 -10.49
C GLU A 84 10.65 5.36 -10.94
N PHE A 85 11.64 6.21 -11.16
CA PHE A 85 12.97 5.75 -11.54
C PHE A 85 13.77 5.77 -10.25
N VAL A 86 14.50 4.71 -9.97
CA VAL A 86 15.32 4.68 -8.77
C VAL A 86 16.68 4.15 -9.18
N GLY A 87 17.68 4.39 -8.32
CA GLY A 87 19.03 3.97 -8.63
C GLY A 87 19.51 4.80 -9.81
N GLU A 88 18.96 6.00 -9.94
CA GLU A 88 19.27 6.91 -11.02
C GLU A 88 20.50 7.80 -10.80
N MET A 89 20.87 8.06 -9.55
CA MET A 89 22.00 8.94 -9.28
C MET A 89 23.23 8.70 -10.15
N GLY A 90 23.66 7.46 -10.26
CA GLY A 90 24.83 7.15 -11.08
C GLY A 90 24.72 7.61 -12.52
N LEU A 91 23.51 7.91 -12.98
CA LEU A 91 23.31 8.36 -14.36
C LEU A 91 23.68 9.83 -14.47
N PHE A 92 23.85 10.45 -13.30
CA PHE A 92 24.16 11.88 -13.22
C PHE A 92 25.48 12.17 -12.49
N ILE A 93 25.82 11.34 -11.51
CA ILE A 93 27.03 11.54 -10.74
C ILE A 93 28.00 10.38 -10.89
N GLU A 94 29.15 10.66 -11.49
CA GLU A 94 30.21 9.68 -11.71
C GLU A 94 30.48 8.96 -10.39
N SER A 95 30.16 7.68 -10.33
CA SER A 95 30.40 6.91 -9.11
C SER A 95 30.34 5.40 -9.34
N ASP A 96 31.22 4.68 -8.65
CA ASP A 96 31.26 3.22 -8.77
C ASP A 96 30.37 2.58 -7.71
N THR A 97 29.85 3.38 -6.79
CA THR A 97 29.03 2.81 -5.72
C THR A 97 27.71 3.51 -5.39
N ARG A 98 26.75 2.74 -4.89
CA ARG A 98 25.44 3.26 -4.48
C ARG A 98 25.66 3.98 -3.14
N GLU A 99 24.82 4.96 -2.84
CA GLU A 99 24.94 5.69 -1.61
C GLU A 99 23.79 5.42 -0.64
N VAL A 100 22.81 4.62 -1.08
CA VAL A 100 21.66 4.30 -0.25
C VAL A 100 21.18 2.86 -0.44
N ILE A 101 20.24 2.45 0.41
CA ILE A 101 19.63 1.14 0.34
C ILE A 101 18.29 1.30 -0.42
N LEU A 102 18.02 0.40 -1.37
CA LEU A 102 16.76 0.39 -2.10
C LEU A 102 16.11 -0.89 -1.61
N ARG A 103 14.98 -0.78 -0.93
CA ARG A 103 14.32 -1.95 -0.38
C ARG A 103 12.86 -2.09 -0.81
N THR A 104 12.43 -3.32 -1.06
CA THR A 104 11.04 -3.54 -1.45
C THR A 104 10.15 -3.55 -0.21
N ARG A 105 8.98 -2.93 -0.33
CA ARG A 105 8.00 -2.87 0.74
C ARG A 105 6.85 -3.82 0.41
N THR A 106 6.78 -4.22 -0.85
CA THR A 106 5.75 -5.15 -1.32
C THR A 106 6.44 -6.05 -2.34
N GLN A 107 5.67 -6.93 -2.96
CA GLN A 107 6.21 -7.78 -3.99
C GLN A 107 6.42 -6.76 -5.11
N CYS A 108 7.50 -6.87 -5.87
CA CYS A 108 7.74 -5.88 -6.92
C CYS A 108 8.19 -6.40 -8.26
N GLU A 109 7.92 -5.61 -9.30
CA GLU A 109 8.38 -5.88 -10.65
C GLU A 109 9.16 -4.60 -11.01
N LEU A 110 10.44 -4.77 -11.34
CA LEU A 110 11.28 -3.65 -11.68
C LEU A 110 11.93 -3.87 -13.03
N ALA A 111 12.01 -2.81 -13.83
CA ALA A 111 12.66 -2.87 -15.13
C ALA A 111 14.03 -2.26 -14.90
N GLU A 112 15.08 -2.83 -15.50
CA GLU A 112 16.42 -2.31 -15.31
C GLU A 112 17.19 -2.20 -16.63
N ILE A 113 18.08 -1.23 -16.69
CA ILE A 113 18.90 -0.99 -17.86
C ILE A 113 20.18 -0.30 -17.42
N SER A 114 21.31 -0.76 -17.93
CA SER A 114 22.60 -0.16 -17.58
C SER A 114 22.62 1.31 -17.99
N TYR A 115 23.50 2.09 -17.35
CA TYR A 115 23.64 3.50 -17.67
C TYR A 115 24.23 3.63 -19.08
N GLU A 116 25.28 2.86 -19.33
CA GLU A 116 25.96 2.90 -20.62
C GLU A 116 24.98 2.67 -21.74
N ARG A 117 24.25 1.55 -21.67
CA ARG A 117 23.27 1.25 -22.69
C ARG A 117 22.26 2.38 -22.85
N LEU A 118 21.74 2.87 -21.71
CA LEU A 118 20.75 3.94 -21.76
C LEU A 118 21.26 5.19 -22.48
N GLN A 119 22.47 5.64 -22.11
CA GLN A 119 23.02 6.82 -22.76
C GLN A 119 23.31 6.55 -24.23
N GLN A 120 23.66 5.30 -24.54
CA GLN A 120 23.90 4.93 -25.93
C GLN A 120 22.58 5.11 -26.68
N LEU A 121 21.51 4.59 -26.10
CA LEU A 121 20.18 4.72 -26.69
C LEU A 121 19.80 6.20 -26.87
N PHE A 122 20.19 7.05 -25.92
CA PHE A 122 19.90 8.48 -26.00
C PHE A 122 20.54 9.12 -27.24
N GLN A 123 21.70 8.62 -27.65
CA GLN A 123 22.40 9.14 -28.82
C GLN A 123 21.86 8.54 -30.12
N THR A 124 20.99 7.54 -30.01
CA THR A 124 20.44 6.89 -31.20
C THR A 124 18.94 6.58 -31.15
N SER A 125 18.60 5.34 -30.85
CA SER A 125 17.22 4.88 -30.78
C SER A 125 16.27 5.79 -30.02
N LEU A 126 16.53 5.97 -28.73
CA LEU A 126 15.67 6.81 -27.90
C LEU A 126 15.99 8.29 -27.98
N SER A 127 16.80 8.67 -28.96
CA SER A 127 17.17 10.06 -29.15
C SER A 127 15.96 11.00 -29.01
N PRO A 128 14.81 10.65 -29.63
CA PRO A 128 13.62 11.49 -29.52
C PRO A 128 13.05 11.64 -28.10
N ASP A 129 13.13 10.57 -27.30
CA ASP A 129 12.58 10.58 -25.95
C ASP A 129 13.53 11.06 -24.87
N ALA A 130 14.78 11.34 -25.24
CA ALA A 130 15.77 11.80 -24.28
C ALA A 130 15.22 12.95 -23.43
N PRO A 131 14.74 14.01 -24.09
CA PRO A 131 14.19 15.16 -23.35
C PRO A 131 13.07 14.79 -22.38
N ARG A 132 12.20 13.86 -22.77
CA ARG A 132 11.07 13.47 -21.92
C ARG A 132 11.49 12.63 -20.72
N ILE A 133 12.37 11.66 -20.97
CA ILE A 133 12.85 10.82 -19.91
C ILE A 133 13.66 11.68 -18.95
N LEU A 134 14.47 12.58 -19.49
CA LEU A 134 15.28 13.46 -18.66
C LEU A 134 14.44 14.40 -17.80
N TYR A 135 13.41 14.99 -18.40
CA TYR A 135 12.53 15.91 -17.66
C TYR A 135 11.78 15.15 -16.57
N ALA A 136 11.31 13.94 -16.90
CA ALA A 136 10.58 13.16 -15.92
C ALA A 136 11.45 12.82 -14.71
N ILE A 137 12.70 12.43 -14.95
CA ILE A 137 13.62 12.11 -13.86
C ILE A 137 13.84 13.39 -13.04
N GLY A 138 13.84 14.52 -13.72
CA GLY A 138 14.02 15.79 -13.04
C GLY A 138 12.83 16.06 -12.11
N VAL A 139 11.65 15.64 -12.54
CA VAL A 139 10.44 15.85 -11.74
C VAL A 139 10.57 15.09 -10.42
N GLN A 140 11.02 13.85 -10.51
CA GLN A 140 11.15 13.01 -9.33
C GLN A 140 12.27 13.47 -8.42
N LEU A 141 13.39 13.86 -9.00
CA LEU A 141 14.51 14.33 -8.22
C LEU A 141 14.05 15.58 -7.46
N SER A 142 13.30 16.45 -8.13
CA SER A 142 12.78 17.68 -7.52
C SER A 142 11.86 17.35 -6.36
N LYS A 143 10.94 16.41 -6.56
CA LYS A 143 10.04 16.03 -5.49
C LYS A 143 10.87 15.50 -4.31
N ARG A 144 11.80 14.62 -4.62
CA ARG A 144 12.65 14.03 -3.60
C ARG A 144 13.48 15.07 -2.85
N LEU A 145 14.04 16.03 -3.60
CA LEU A 145 14.84 17.06 -2.96
C LEU A 145 13.93 17.86 -2.01
N LEU A 146 12.70 18.14 -2.44
CA LEU A 146 11.78 18.90 -1.59
C LEU A 146 11.53 18.16 -0.29
N ASP A 147 10.99 16.95 -0.42
CA ASP A 147 10.70 16.09 0.74
C ASP A 147 11.93 15.92 1.64
N THR A 148 13.08 15.68 1.04
CA THR A 148 14.28 15.48 1.84
C THR A 148 14.69 16.78 2.51
N THR A 149 14.49 17.90 1.81
CA THR A 149 14.80 19.22 2.35
C THR A 149 13.90 19.44 3.57
N ARG A 150 12.64 19.02 3.47
CA ARG A 150 11.70 19.18 4.58
C ARG A 150 12.02 18.20 5.70
N LYS A 151 12.52 17.00 5.37
CA LYS A 151 12.85 16.05 6.43
C LYS A 151 14.07 16.60 7.20
N ALA A 152 15.03 17.20 6.49
CA ALA A 152 16.21 17.78 7.16
C ALA A 152 15.78 18.89 8.14
N SER A 153 14.88 19.77 7.70
CA SER A 153 14.39 20.88 8.55
C SER A 153 13.73 20.36 9.81
N ARG A 154 12.86 19.39 9.66
CA ARG A 154 12.15 18.80 10.78
C ARG A 154 13.06 18.07 11.75
N LEU A 155 14.12 17.46 11.22
CA LEU A 155 15.06 16.75 12.07
C LEU A 155 15.91 17.74 12.88
N ALA A 156 16.07 18.95 12.36
CA ALA A 156 16.89 19.94 13.05
C ALA A 156 16.11 20.84 14.01
N PHE A 157 14.82 21.06 13.73
CA PHE A 157 14.04 21.97 14.54
C PHE A 157 12.75 21.45 15.21
N LEU A 158 12.37 20.21 14.96
CA LEU A 158 11.13 19.69 15.57
C LEU A 158 11.35 18.52 16.53
N ASP A 159 10.57 18.49 17.61
CA ASP A 159 10.69 17.41 18.58
C ASP A 159 10.11 16.15 17.92
N VAL A 160 10.41 14.99 18.47
CA VAL A 160 9.94 13.75 17.87
C VAL A 160 8.41 13.66 17.72
N THR A 161 7.67 14.24 18.66
CA THR A 161 6.21 14.20 18.58
C THR A 161 5.73 14.95 17.35
N ASP A 162 6.30 16.13 17.09
CA ASP A 162 5.92 16.94 15.94
C ASP A 162 6.34 16.30 14.63
N ARG A 163 7.45 15.58 14.63
CA ARG A 163 7.90 14.94 13.41
C ARG A 163 6.96 13.78 13.11
N ILE A 164 6.52 13.10 14.16
CA ILE A 164 5.62 11.96 13.99
C ILE A 164 4.22 12.38 13.54
N VAL A 165 3.69 13.47 14.09
CA VAL A 165 2.36 13.92 13.68
C VAL A 165 2.38 14.34 12.20
N ARG A 166 3.36 15.15 11.79
CA ARG A 166 3.46 15.61 10.41
C ARG A 166 3.68 14.45 9.44
N THR A 167 4.41 13.43 9.90
CA THR A 167 4.68 12.24 9.10
C THR A 167 3.39 11.42 8.95
N LEU A 168 2.59 11.34 10.00
CA LEU A 168 1.36 10.58 9.92
C LEU A 168 0.39 11.27 8.95
N HIS A 169 0.51 12.58 8.84
CA HIS A 169 -0.33 13.39 7.97
C HIS A 169 0.11 13.31 6.52
N ASP A 170 1.39 13.07 6.26
CA ASP A 170 1.86 12.96 4.89
C ASP A 170 1.43 11.60 4.40
N LEU A 171 1.64 10.60 5.25
CA LEU A 171 1.27 9.25 4.92
C LEU A 171 -0.21 9.15 4.55
N SER A 172 -1.03 9.92 5.25
CA SER A 172 -2.47 9.92 5.00
C SER A 172 -2.85 10.68 3.74
N LYS A 173 -1.89 11.38 3.12
CA LYS A 173 -2.15 12.14 1.90
C LYS A 173 -1.79 11.28 0.69
N GLU A 174 -1.11 10.18 0.94
CA GLU A 174 -0.69 9.23 -0.09
C GLU A 174 -1.90 8.44 -0.59
N PRO A 175 -1.97 8.15 -1.90
CA PRO A 175 -3.09 7.40 -2.46
C PRO A 175 -3.33 6.08 -1.71
N GLU A 176 -2.28 5.59 -1.07
CA GLU A 176 -2.33 4.34 -0.31
C GLU A 176 -3.20 4.49 0.93
N ALA A 177 -3.49 5.73 1.31
CA ALA A 177 -4.30 5.99 2.50
C ALA A 177 -5.73 5.49 2.39
N MET A 178 -5.97 4.30 2.95
CA MET A 178 -7.29 3.67 2.96
C MET A 178 -8.24 4.46 3.89
N SER A 179 -9.43 4.81 3.39
CA SER A 179 -10.38 5.59 4.18
C SER A 179 -10.97 4.83 5.36
N HIS A 180 -11.45 5.59 6.35
CA HIS A 180 -12.05 5.05 7.57
C HIS A 180 -13.16 5.99 8.02
N PRO A 181 -14.15 5.45 8.75
CA PRO A 181 -15.25 6.29 9.23
C PRO A 181 -14.83 7.45 10.16
N GLN A 182 -13.68 7.32 10.82
CA GLN A 182 -13.20 8.37 11.72
C GLN A 182 -12.10 9.22 11.11
N GLY A 183 -11.79 8.97 9.84
CA GLY A 183 -10.76 9.72 9.17
C GLY A 183 -10.03 8.93 8.10
N THR A 184 -8.72 8.79 8.29
CA THR A 184 -7.88 8.08 7.34
C THR A 184 -7.16 6.91 8.04
N GLN A 185 -7.28 5.71 7.47
CA GLN A 185 -6.64 4.54 8.06
C GLN A 185 -5.29 4.28 7.40
N LEU A 186 -4.23 4.67 8.09
CA LEU A 186 -2.87 4.50 7.59
C LEU A 186 -2.36 3.09 7.84
N ARG A 187 -1.21 2.77 7.26
CA ARG A 187 -0.58 1.46 7.40
C ARG A 187 0.91 1.64 7.68
N VAL A 188 1.23 1.79 8.96
CA VAL A 188 2.60 1.98 9.44
C VAL A 188 2.84 1.18 10.72
N SER A 189 4.06 0.71 10.92
CA SER A 189 4.39 -0.03 12.13
C SER A 189 5.26 0.86 13.01
N ARG A 190 5.42 0.48 14.27
CA ARG A 190 6.21 1.26 15.21
C ARG A 190 7.64 1.37 14.70
N GLN A 191 8.13 0.29 14.07
CA GLN A 191 9.48 0.27 13.54
C GLN A 191 9.66 1.27 12.40
N GLU A 192 8.79 1.18 11.39
CA GLU A 192 8.88 2.10 10.25
C GLU A 192 8.75 3.55 10.68
N LEU A 193 7.80 3.81 11.57
CA LEU A 193 7.57 5.17 12.06
C LEU A 193 8.91 5.64 12.63
N ALA A 194 9.53 4.77 13.42
CA ALA A 194 10.82 5.06 14.01
C ALA A 194 11.85 5.36 12.92
N ARG A 195 11.79 4.61 11.83
CA ARG A 195 12.72 4.79 10.73
C ARG A 195 12.47 6.10 9.99
N LEU A 196 11.21 6.49 9.90
CA LEU A 196 10.86 7.71 9.19
C LEU A 196 11.29 9.00 9.90
N VAL A 197 11.29 9.00 11.22
CA VAL A 197 11.63 10.21 11.94
C VAL A 197 12.91 10.15 12.73
N GLY A 198 13.67 9.08 12.54
CA GLY A 198 14.92 8.96 13.24
C GLY A 198 14.78 9.00 14.74
N CYS A 199 13.98 8.09 15.30
CA CYS A 199 13.85 8.00 16.75
C CYS A 199 13.86 6.50 17.02
N SER A 200 13.92 6.10 18.29
CA SER A 200 13.95 4.69 18.62
C SER A 200 12.56 4.09 18.43
N ARG A 201 12.47 2.77 18.32
CA ARG A 201 11.17 2.12 18.15
C ARG A 201 10.30 2.39 19.36
N GLU A 202 10.89 2.27 20.54
CA GLU A 202 10.16 2.49 21.78
C GLU A 202 9.61 3.90 21.87
N MET A 203 10.42 4.89 21.50
CA MET A 203 9.96 6.27 21.56
C MET A 203 8.77 6.43 20.63
N ALA A 204 8.82 5.81 19.46
CA ALA A 204 7.71 5.90 18.51
C ALA A 204 6.48 5.28 19.15
N GLY A 205 6.69 4.17 19.86
CA GLY A 205 5.59 3.50 20.53
C GLY A 205 5.00 4.38 21.62
N ARG A 206 5.87 5.13 22.30
CA ARG A 206 5.45 6.02 23.37
C ARG A 206 4.65 7.20 22.82
N VAL A 207 5.13 7.76 21.72
CA VAL A 207 4.46 8.92 21.10
C VAL A 207 3.08 8.52 20.59
N LEU A 208 2.97 7.31 20.04
CA LEU A 208 1.68 6.84 19.54
C LEU A 208 0.65 6.75 20.67
N LYS A 209 1.03 6.21 21.83
CA LYS A 209 0.05 6.11 22.90
C LYS A 209 -0.36 7.46 23.48
N LYS A 210 0.50 8.46 23.32
CA LYS A 210 0.20 9.80 23.79
C LYS A 210 -0.84 10.43 22.86
N LEU A 211 -0.60 10.30 21.56
CA LEU A 211 -1.52 10.83 20.55
C LEU A 211 -2.88 10.15 20.64
N GLN A 212 -2.89 8.86 20.99
CA GLN A 212 -4.16 8.14 21.11
C GLN A 212 -4.88 8.69 22.33
N ALA A 213 -4.17 8.73 23.46
CA ALA A 213 -4.71 9.26 24.69
C ALA A 213 -5.19 10.68 24.43
N ASP A 214 -4.55 11.36 23.48
CA ASP A 214 -4.94 12.73 23.15
C ASP A 214 -6.19 12.77 22.29
N GLY A 215 -6.67 11.61 21.86
CA GLY A 215 -7.86 11.57 21.04
C GLY A 215 -7.64 11.89 19.56
N LEU A 216 -6.37 11.98 19.14
CA LEU A 216 -6.07 12.29 17.76
C LEU A 216 -6.07 11.08 16.85
N LEU A 217 -6.04 9.88 17.44
CA LEU A 217 -6.00 8.67 16.65
C LEU A 217 -5.94 7.46 17.55
N HIS A 218 -5.99 6.27 16.95
CA HIS A 218 -5.84 5.05 17.69
C HIS A 218 -4.96 4.14 16.84
N ALA A 219 -4.40 3.10 17.43
CA ALA A 219 -3.54 2.21 16.69
C ALA A 219 -3.77 0.75 17.02
N ARG A 220 -3.31 -0.12 16.12
CA ARG A 220 -3.43 -1.56 16.25
C ARG A 220 -2.37 -2.23 15.38
N GLY A 221 -1.38 -2.84 16.03
CA GLY A 221 -0.31 -3.50 15.29
C GLY A 221 0.34 -2.64 14.23
N LYS A 222 -0.10 -2.81 12.98
CA LYS A 222 0.44 -2.04 11.87
C LYS A 222 -0.61 -1.10 11.31
N THR A 223 -1.71 -0.93 12.04
CA THR A 223 -2.78 -0.05 11.59
C THR A 223 -3.03 1.15 12.49
N VAL A 224 -2.82 2.34 11.93
CA VAL A 224 -3.02 3.59 12.65
C VAL A 224 -4.21 4.30 12.00
N VAL A 225 -5.23 4.60 12.79
CA VAL A 225 -6.38 5.29 12.25
C VAL A 225 -6.26 6.77 12.64
N LEU A 226 -5.85 7.59 11.69
CA LEU A 226 -5.69 9.01 11.93
C LEU A 226 -7.02 9.72 11.76
N TYR A 227 -7.46 10.44 12.79
CA TYR A 227 -8.74 11.14 12.76
C TYR A 227 -8.67 12.44 11.96
N GLY A 228 -9.74 12.72 11.21
CA GLY A 228 -9.79 13.94 10.41
C GLY A 228 -10.82 13.91 9.29
N LEU B 22 -14.97 -28.63 -17.04
CA LEU B 22 -13.68 -28.13 -17.60
C LEU B 22 -12.81 -29.28 -18.07
N ASP B 23 -12.83 -29.56 -19.37
CA ASP B 23 -12.04 -30.67 -19.91
C ASP B 23 -10.54 -30.38 -19.96
N ALA B 24 -9.76 -31.42 -20.25
CA ALA B 24 -8.29 -31.32 -20.34
C ALA B 24 -7.83 -30.40 -21.46
N GLY B 25 -8.62 -30.32 -22.53
CA GLY B 25 -8.26 -29.49 -23.66
C GLY B 25 -8.28 -28.01 -23.30
N THR B 26 -9.39 -27.59 -22.72
CA THR B 26 -9.59 -26.22 -22.31
C THR B 26 -8.45 -25.79 -21.38
N ILE B 27 -8.10 -26.67 -20.44
CA ILE B 27 -7.02 -26.37 -19.51
C ILE B 27 -5.68 -26.24 -20.22
N GLU B 28 -5.39 -27.15 -21.15
CA GLU B 28 -4.13 -27.05 -21.86
C GLU B 28 -4.02 -25.80 -22.72
N ARG B 29 -5.13 -25.35 -23.29
CA ARG B 29 -5.11 -24.14 -24.08
C ARG B 29 -4.84 -22.98 -23.13
N PHE B 30 -5.45 -23.04 -21.96
CA PHE B 30 -5.29 -22.00 -20.97
C PHE B 30 -3.85 -21.90 -20.56
N LEU B 31 -3.22 -23.06 -20.31
CA LEU B 31 -1.83 -23.11 -19.87
C LEU B 31 -0.79 -22.66 -20.90
N ALA B 32 -1.12 -22.79 -22.18
CA ALA B 32 -0.18 -22.39 -23.23
C ALA B 32 0.19 -20.91 -23.14
N HIS B 33 -0.79 -20.07 -22.81
CA HIS B 33 -0.54 -18.64 -22.68
C HIS B 33 -0.15 -18.25 -21.25
N SER B 34 0.13 -19.24 -20.41
CA SER B 34 0.48 -18.96 -19.03
C SER B 34 1.97 -19.15 -18.79
N HIS B 35 2.41 -18.79 -17.59
CA HIS B 35 3.81 -18.92 -17.21
C HIS B 35 3.89 -19.83 -15.99
N ARG B 36 4.55 -20.98 -16.15
CA ARG B 36 4.68 -21.92 -15.05
C ARG B 36 5.90 -21.59 -14.19
N ARG B 37 5.75 -21.71 -12.88
CA ARG B 37 6.83 -21.43 -11.93
C ARG B 37 6.75 -22.40 -10.77
N ARG B 38 7.89 -22.99 -10.41
CA ARG B 38 7.93 -23.93 -9.29
C ARG B 38 8.16 -23.14 -8.01
N TYR B 39 7.44 -23.49 -6.95
CA TYR B 39 7.57 -22.81 -5.67
C TYR B 39 7.90 -23.72 -4.52
N PRO B 40 8.81 -23.29 -3.63
CA PRO B 40 9.19 -24.11 -2.49
C PRO B 40 8.01 -24.10 -1.49
N THR B 41 7.94 -25.10 -0.63
CA THR B 41 6.87 -25.16 0.35
C THR B 41 6.97 -23.96 1.32
N ARG B 42 5.94 -23.78 2.14
CA ARG B 42 5.89 -22.68 3.09
C ARG B 42 6.33 -21.34 2.54
N THR B 43 5.83 -21.02 1.35
CA THR B 43 6.17 -19.76 0.70
C THR B 43 4.92 -18.89 0.48
N ASP B 44 5.05 -17.60 0.74
CA ASP B 44 3.93 -16.70 0.53
C ASP B 44 4.04 -16.09 -0.88
N VAL B 45 3.31 -16.67 -1.83
CA VAL B 45 3.29 -16.24 -3.22
C VAL B 45 2.88 -14.78 -3.34
N PHE B 46 2.00 -14.36 -2.45
CA PHE B 46 1.57 -12.98 -2.37
C PHE B 46 0.88 -12.76 -1.03
N ARG B 47 0.92 -11.52 -0.54
CA ARG B 47 0.32 -11.17 0.74
C ARG B 47 -0.50 -9.90 0.52
N PRO B 48 -1.35 -9.55 1.50
CA PRO B 48 -2.19 -8.35 1.39
C PRO B 48 -1.30 -7.15 1.10
N GLY B 49 -1.70 -6.34 0.13
CA GLY B 49 -0.92 -5.16 -0.23
C GLY B 49 -0.14 -5.31 -1.52
N ASP B 50 0.21 -6.54 -1.88
CA ASP B 50 0.95 -6.75 -3.12
C ASP B 50 0.09 -6.36 -4.31
N PRO B 51 0.72 -5.93 -5.41
CA PRO B 51 -0.06 -5.54 -6.60
C PRO B 51 -0.77 -6.77 -7.16
N ALA B 52 -2.03 -6.62 -7.53
CA ALA B 52 -2.82 -7.72 -8.08
C ALA B 52 -3.18 -7.45 -9.55
N GLY B 53 -2.52 -8.15 -10.45
CA GLY B 53 -2.80 -7.97 -11.86
C GLY B 53 -2.77 -9.31 -12.55
N THR B 54 -2.53 -10.36 -11.77
CA THR B 54 -2.46 -11.70 -12.32
C THR B 54 -3.36 -12.69 -11.59
N LEU B 55 -3.53 -13.84 -12.25
CA LEU B 55 -4.33 -14.94 -11.76
C LEU B 55 -3.41 -16.17 -11.79
N TYR B 56 -3.61 -17.10 -10.87
CA TYR B 56 -2.80 -18.31 -10.80
C TYR B 56 -3.68 -19.53 -10.97
N TYR B 57 -3.07 -20.61 -11.42
CA TYR B 57 -3.77 -21.88 -11.61
C TYR B 57 -2.85 -22.88 -10.95
N VAL B 58 -3.37 -23.70 -10.04
CA VAL B 58 -2.54 -24.68 -9.36
C VAL B 58 -2.42 -25.96 -10.19
N ILE B 59 -1.20 -26.21 -10.69
CA ILE B 59 -0.94 -27.40 -11.50
C ILE B 59 -0.61 -28.58 -10.59
N SER B 60 0.31 -28.38 -9.65
CA SER B 60 0.65 -29.46 -8.73
C SER B 60 0.84 -28.93 -7.32
N GLY B 61 0.63 -29.78 -6.34
CA GLY B 61 0.77 -29.38 -4.94
C GLY B 61 -0.48 -28.72 -4.40
N SER B 62 -0.38 -28.16 -3.20
CA SER B 62 -1.51 -27.47 -2.59
C SER B 62 -1.06 -26.21 -1.85
N VAL B 63 -1.95 -25.22 -1.84
CA VAL B 63 -1.70 -23.95 -1.19
C VAL B 63 -2.83 -23.66 -0.22
N SER B 64 -2.73 -22.54 0.48
CA SER B 64 -3.78 -22.15 1.39
C SER B 64 -4.01 -20.64 1.25
N ILE B 65 -5.23 -20.22 1.55
CA ILE B 65 -5.63 -18.82 1.50
C ILE B 65 -5.86 -18.45 2.96
N ILE B 66 -5.18 -17.40 3.40
CA ILE B 66 -5.22 -16.96 4.79
C ILE B 66 -5.51 -15.46 4.93
N ALA B 67 -6.34 -15.12 5.93
CA ALA B 67 -6.68 -13.74 6.21
C ALA B 67 -5.71 -13.31 7.30
N GLU B 68 -5.08 -12.15 7.12
CA GLU B 68 -4.11 -11.65 8.09
C GLU B 68 -4.67 -10.60 9.04
N GLU B 69 -3.99 -10.43 10.17
CA GLU B 69 -4.35 -9.45 11.19
C GLU B 69 -3.15 -8.60 11.60
N ASP B 70 -3.43 -7.37 12.04
CA ASP B 70 -2.39 -6.44 12.47
C ASP B 70 -1.68 -6.91 13.73
N ASP B 71 -2.19 -8.00 14.31
CA ASP B 71 -1.59 -8.56 15.52
C ASP B 71 -0.80 -9.82 15.20
N ASP B 72 -0.59 -10.04 13.90
CA ASP B 72 0.15 -11.21 13.41
C ASP B 72 -0.70 -12.48 13.53
N ARG B 73 -1.97 -12.29 13.84
CA ARG B 73 -2.89 -13.41 13.96
C ARG B 73 -3.39 -13.74 12.55
N GLU B 74 -3.44 -15.02 12.22
CA GLU B 74 -3.89 -15.45 10.89
C GLU B 74 -5.07 -16.40 10.97
N LEU B 75 -5.84 -16.46 9.90
CA LEU B 75 -6.98 -17.36 9.83
C LEU B 75 -6.96 -18.03 8.46
N VAL B 76 -6.74 -19.34 8.43
CA VAL B 76 -6.73 -20.09 7.17
C VAL B 76 -8.18 -20.29 6.68
N LEU B 77 -8.44 -19.97 5.42
CA LEU B 77 -9.80 -20.11 4.90
C LEU B 77 -9.99 -21.40 4.15
N GLY B 78 -8.88 -21.99 3.70
CA GLY B 78 -8.98 -23.26 2.99
C GLY B 78 -7.67 -23.74 2.38
N TYR B 79 -7.73 -24.97 1.86
CA TYR B 79 -6.60 -25.59 1.18
C TYR B 79 -7.10 -25.87 -0.24
N PHE B 80 -6.25 -25.64 -1.21
CA PHE B 80 -6.64 -25.84 -2.60
C PHE B 80 -5.58 -26.66 -3.29
N GLY B 81 -6.03 -27.57 -4.14
CA GLY B 81 -5.11 -28.41 -4.89
C GLY B 81 -5.10 -28.12 -6.39
N SER B 82 -4.66 -29.11 -7.17
CA SER B 82 -4.57 -28.99 -8.62
C SER B 82 -5.96 -28.70 -9.20
N GLY B 83 -6.01 -27.87 -10.23
CA GLY B 83 -7.26 -27.50 -10.85
C GLY B 83 -7.83 -26.17 -10.34
N GLU B 84 -7.36 -25.72 -9.17
CA GLU B 84 -7.85 -24.49 -8.56
C GLU B 84 -7.26 -23.18 -9.08
N PHE B 85 -8.13 -22.19 -9.24
CA PHE B 85 -7.72 -20.86 -9.68
C PHE B 85 -7.62 -20.03 -8.41
N VAL B 86 -6.51 -19.32 -8.23
CA VAL B 86 -6.36 -18.49 -7.04
C VAL B 86 -5.81 -17.11 -7.41
N GLY B 87 -6.03 -16.14 -6.53
CA GLY B 87 -5.59 -14.79 -6.81
C GLY B 87 -6.49 -14.24 -7.90
N GLU B 88 -7.70 -14.79 -7.96
CA GLU B 88 -8.66 -14.41 -8.97
C GLU B 88 -9.56 -13.22 -8.61
N MET B 89 -9.50 -12.75 -7.36
CA MET B 89 -10.38 -11.66 -6.97
C MET B 89 -10.30 -10.45 -7.89
N GLY B 90 -9.07 -10.03 -8.21
CA GLY B 90 -8.88 -8.90 -9.09
C GLY B 90 -9.44 -9.06 -10.50
N LEU B 91 -9.89 -10.26 -10.83
CA LEU B 91 -10.46 -10.48 -12.15
C LEU B 91 -11.90 -9.94 -12.24
N PHE B 92 -12.61 -10.03 -11.13
CA PHE B 92 -14.01 -9.59 -11.04
C PHE B 92 -14.20 -8.25 -10.33
N ILE B 93 -13.33 -7.97 -9.36
CA ILE B 93 -13.41 -6.75 -8.59
C ILE B 93 -12.20 -5.86 -8.82
N GLU B 94 -12.40 -4.77 -9.55
CA GLU B 94 -11.31 -3.84 -9.86
C GLU B 94 -10.58 -3.40 -8.60
N SER B 95 -9.38 -3.94 -8.42
CA SER B 95 -8.54 -3.63 -7.29
C SER B 95 -7.12 -3.73 -7.81
N ASP B 96 -6.20 -3.04 -7.16
CA ASP B 96 -4.82 -3.09 -7.60
C ASP B 96 -3.97 -3.80 -6.56
N THR B 97 -4.62 -4.30 -5.52
CA THR B 97 -3.92 -4.99 -4.45
C THR B 97 -4.59 -6.27 -3.96
N ARG B 98 -3.79 -7.13 -3.32
CA ARG B 98 -4.27 -8.40 -2.78
C ARG B 98 -4.94 -8.19 -1.44
N GLU B 99 -5.88 -9.06 -1.10
CA GLU B 99 -6.59 -8.95 0.17
C GLU B 99 -6.35 -10.16 1.09
N VAL B 100 -5.62 -11.16 0.61
CA VAL B 100 -5.34 -12.35 1.42
C VAL B 100 -3.96 -12.88 1.13
N ILE B 101 -3.53 -13.83 1.96
CA ILE B 101 -2.23 -14.46 1.76
C ILE B 101 -2.41 -15.77 0.99
N LEU B 102 -1.54 -15.99 0.00
CA LEU B 102 -1.54 -17.23 -0.77
C LEU B 102 -0.24 -17.93 -0.36
N ARG B 103 -0.37 -19.02 0.40
CA ARG B 103 0.78 -19.76 0.91
C ARG B 103 0.90 -21.21 0.44
N THR B 104 2.09 -21.63 0.02
CA THR B 104 2.30 -23.01 -0.42
C THR B 104 2.35 -23.90 0.82
N ARG B 105 1.72 -25.08 0.74
CA ARG B 105 1.71 -26.01 1.86
C ARG B 105 2.62 -27.19 1.49
N THR B 106 2.98 -27.27 0.22
CA THR B 106 3.86 -28.29 -0.33
C THR B 106 4.62 -27.60 -1.47
N GLN B 107 5.59 -28.28 -2.05
CA GLN B 107 6.29 -27.69 -3.19
C GLN B 107 5.17 -27.54 -4.24
N CYS B 108 5.19 -26.48 -5.03
CA CYS B 108 4.10 -26.31 -6.00
C CYS B 108 4.48 -25.84 -7.38
N GLU B 109 3.60 -26.15 -8.34
CA GLU B 109 3.76 -25.66 -9.70
C GLU B 109 2.49 -24.85 -9.94
N LEU B 110 2.66 -23.54 -10.13
CA LEU B 110 1.54 -22.64 -10.37
C LEU B 110 1.69 -22.03 -11.75
N ALA B 111 0.57 -21.87 -12.45
CA ALA B 111 0.57 -21.26 -13.77
C ALA B 111 -0.01 -19.85 -13.62
N GLU B 112 0.80 -18.84 -13.91
CA GLU B 112 0.35 -17.46 -13.77
C GLU B 112 0.03 -16.77 -15.10
N ILE B 113 -0.92 -15.83 -15.04
CA ILE B 113 -1.34 -15.07 -16.22
C ILE B 113 -2.06 -13.79 -15.82
N SER B 114 -1.68 -12.68 -16.44
CA SER B 114 -2.28 -11.38 -16.11
C SER B 114 -3.75 -11.26 -16.47
N TYR B 115 -4.47 -10.43 -15.73
CA TYR B 115 -5.90 -10.24 -15.98
C TYR B 115 -6.13 -9.66 -17.37
N GLU B 116 -5.39 -8.62 -17.72
CA GLU B 116 -5.53 -7.96 -19.01
C GLU B 116 -5.21 -8.93 -20.14
N ARG B 117 -4.28 -9.84 -19.91
CA ARG B 117 -3.91 -10.84 -20.90
C ARG B 117 -5.08 -11.79 -21.09
N LEU B 118 -5.67 -12.22 -19.99
CA LEU B 118 -6.79 -13.15 -20.02
C LEU B 118 -8.10 -12.54 -20.54
N GLN B 119 -8.19 -11.21 -20.51
CA GLN B 119 -9.39 -10.53 -21.00
C GLN B 119 -9.33 -10.63 -22.52
N GLN B 120 -8.19 -10.21 -23.06
CA GLN B 120 -7.97 -10.28 -24.49
C GLN B 120 -8.18 -11.70 -24.98
N LEU B 121 -7.53 -12.66 -24.33
CA LEU B 121 -7.66 -14.05 -24.72
C LEU B 121 -9.14 -14.43 -24.77
N PHE B 122 -9.88 -14.06 -23.73
CA PHE B 122 -11.31 -14.34 -23.66
C PHE B 122 -12.04 -13.71 -24.85
N GLN B 123 -11.46 -12.65 -25.39
CA GLN B 123 -12.05 -11.93 -26.53
C GLN B 123 -11.78 -12.59 -27.89
N THR B 124 -10.64 -13.29 -28.00
CA THR B 124 -10.28 -13.92 -29.25
C THR B 124 -9.94 -15.40 -29.16
N SER B 125 -8.66 -15.71 -29.13
CA SER B 125 -8.16 -17.07 -29.09
C SER B 125 -8.83 -18.02 -28.08
N LEU B 126 -9.18 -17.52 -26.90
CA LEU B 126 -9.82 -18.36 -25.89
C LEU B 126 -11.32 -18.12 -25.73
N SER B 127 -11.90 -17.45 -26.73
CA SER B 127 -13.34 -17.14 -26.74
C SER B 127 -14.26 -18.36 -26.57
N PRO B 128 -13.88 -19.51 -27.14
CA PRO B 128 -14.74 -20.70 -27.00
C PRO B 128 -14.66 -21.28 -25.59
N ASP B 129 -13.53 -21.05 -24.92
CA ASP B 129 -13.32 -21.56 -23.56
C ASP B 129 -13.86 -20.61 -22.49
N ALA B 130 -14.24 -19.42 -22.90
CA ALA B 130 -14.76 -18.40 -21.99
C ALA B 130 -15.84 -18.89 -21.03
N PRO B 131 -16.94 -19.46 -21.55
CA PRO B 131 -18.00 -19.93 -20.67
C PRO B 131 -17.54 -21.03 -19.71
N ARG B 132 -16.74 -21.96 -20.24
CA ARG B 132 -16.24 -23.07 -19.43
C ARG B 132 -15.32 -22.59 -18.30
N ILE B 133 -14.42 -21.67 -18.62
CA ILE B 133 -13.49 -21.16 -17.64
C ILE B 133 -14.20 -20.34 -16.58
N LEU B 134 -15.12 -19.48 -17.01
CA LEU B 134 -15.86 -18.64 -16.07
C LEU B 134 -16.74 -19.48 -15.18
N TYR B 135 -17.39 -20.47 -15.78
CA TYR B 135 -18.26 -21.35 -15.02
C TYR B 135 -17.45 -22.09 -13.95
N ALA B 136 -16.31 -22.64 -14.36
CA ALA B 136 -15.46 -23.38 -13.44
C ALA B 136 -15.01 -22.50 -12.28
N ILE B 137 -14.73 -21.23 -12.55
CA ILE B 137 -14.31 -20.32 -11.50
C ILE B 137 -15.53 -20.04 -10.63
N GLY B 138 -16.68 -20.00 -11.27
CA GLY B 138 -17.92 -19.78 -10.55
C GLY B 138 -18.08 -20.93 -9.56
N VAL B 139 -17.82 -22.15 -10.04
CA VAL B 139 -17.94 -23.32 -9.17
C VAL B 139 -16.97 -23.20 -8.00
N GLN B 140 -15.74 -22.80 -8.28
CA GLN B 140 -14.75 -22.64 -7.23
C GLN B 140 -15.09 -21.54 -6.24
N LEU B 141 -15.50 -20.37 -6.74
CA LEU B 141 -15.87 -19.28 -5.86
C LEU B 141 -17.07 -19.73 -5.03
N SER B 142 -17.94 -20.49 -5.67
CA SER B 142 -19.11 -20.95 -4.97
C SER B 142 -18.80 -21.89 -3.80
N LYS B 143 -17.81 -22.76 -3.95
CA LYS B 143 -17.45 -23.66 -2.85
C LYS B 143 -16.79 -22.87 -1.71
N ARG B 144 -15.92 -21.94 -2.06
CA ARG B 144 -15.25 -21.12 -1.06
C ARG B 144 -16.25 -20.28 -0.25
N LEU B 145 -17.26 -19.72 -0.92
CA LEU B 145 -18.29 -18.92 -0.25
C LEU B 145 -19.07 -19.78 0.76
N LEU B 146 -19.44 -20.99 0.36
CA LEU B 146 -20.18 -21.88 1.27
C LEU B 146 -19.30 -22.26 2.46
N ASP B 147 -18.07 -22.69 2.19
CA ASP B 147 -17.15 -23.06 3.26
C ASP B 147 -16.87 -21.88 4.20
N THR B 148 -16.64 -20.70 3.62
CA THR B 148 -16.34 -19.53 4.44
C THR B 148 -17.58 -19.08 5.21
N THR B 149 -18.75 -19.37 4.66
CA THR B 149 -19.98 -19.01 5.33
C THR B 149 -20.17 -19.91 6.56
N ARG B 150 -19.89 -21.19 6.39
CA ARG B 150 -20.02 -22.13 7.50
C ARG B 150 -18.98 -21.80 8.54
N LYS B 151 -17.80 -21.42 8.10
CA LYS B 151 -16.74 -21.08 9.02
C LYS B 151 -17.15 -19.85 9.83
N ALA B 152 -17.81 -18.89 9.19
CA ALA B 152 -18.23 -17.67 9.91
C ALA B 152 -19.21 -18.03 11.02
N SER B 153 -20.19 -18.88 10.68
CA SER B 153 -21.18 -19.34 11.65
C SER B 153 -20.53 -20.03 12.83
N ARG B 154 -19.59 -20.93 12.55
CA ARG B 154 -18.92 -21.66 13.62
C ARG B 154 -18.12 -20.70 14.49
N LEU B 155 -17.48 -19.72 13.86
CA LEU B 155 -16.71 -18.73 14.60
C LEU B 155 -17.63 -17.85 15.44
N ALA B 156 -18.86 -17.67 14.98
CA ALA B 156 -19.82 -16.85 15.71
C ALA B 156 -20.47 -17.59 16.87
N PHE B 157 -20.86 -18.84 16.65
CA PHE B 157 -21.56 -19.56 17.68
C PHE B 157 -20.91 -20.72 18.44
N LEU B 158 -19.97 -21.44 17.83
CA LEU B 158 -19.35 -22.58 18.52
C LEU B 158 -18.08 -22.22 19.27
N ASP B 159 -17.83 -22.86 20.42
CA ASP B 159 -16.62 -22.55 21.16
C ASP B 159 -15.42 -23.23 20.52
N VAL B 160 -14.22 -22.84 20.94
CA VAL B 160 -13.00 -23.38 20.37
C VAL B 160 -12.98 -24.88 20.29
N THR B 161 -13.21 -25.54 21.43
CA THR B 161 -13.19 -26.99 21.47
C THR B 161 -14.07 -27.60 20.41
N ASP B 162 -15.29 -27.09 20.29
CA ASP B 162 -16.21 -27.60 19.29
C ASP B 162 -15.67 -27.38 17.88
N ARG B 163 -15.19 -26.18 17.60
CA ARG B 163 -14.64 -25.89 16.27
C ARG B 163 -13.50 -26.84 15.94
N ILE B 164 -12.64 -27.12 16.92
CA ILE B 164 -11.51 -28.03 16.69
C ILE B 164 -12.00 -29.45 16.45
N VAL B 165 -13.02 -29.87 17.18
CA VAL B 165 -13.56 -31.20 16.96
C VAL B 165 -14.14 -31.30 15.55
N ARG B 166 -14.92 -30.29 15.16
CA ARG B 166 -15.52 -30.27 13.83
C ARG B 166 -14.46 -30.25 12.74
N THR B 167 -13.49 -29.35 12.87
CA THR B 167 -12.43 -29.24 11.89
C THR B 167 -11.72 -30.58 11.63
N LEU B 168 -11.42 -31.31 12.69
CA LEU B 168 -10.74 -32.59 12.54
C LEU B 168 -11.56 -33.56 11.72
N HIS B 169 -12.85 -33.68 12.06
CA HIS B 169 -13.76 -34.56 11.34
C HIS B 169 -14.03 -33.97 9.96
N ASP B 170 -13.42 -32.83 9.68
CA ASP B 170 -13.59 -32.17 8.39
C ASP B 170 -12.41 -32.52 7.49
N LEU B 171 -11.21 -32.53 8.07
CA LEU B 171 -9.99 -32.83 7.34
C LEU B 171 -9.82 -34.31 6.95
N SER B 172 -10.26 -35.22 7.81
CA SER B 172 -10.14 -36.65 7.51
C SER B 172 -11.10 -37.04 6.40
N LYS B 173 -12.00 -36.12 6.05
CA LYS B 173 -12.98 -36.37 5.00
C LYS B 173 -12.39 -35.86 3.68
N GLU B 174 -11.12 -35.50 3.72
CA GLU B 174 -10.41 -35.00 2.54
C GLU B 174 -9.54 -36.12 1.97
N PRO B 175 -9.37 -36.14 0.63
CA PRO B 175 -8.55 -37.18 0.02
C PRO B 175 -7.21 -37.37 0.73
N GLU B 176 -6.65 -36.28 1.24
CA GLU B 176 -5.36 -36.32 1.93
C GLU B 176 -5.36 -37.30 3.10
N ALA B 177 -6.55 -37.59 3.61
CA ALA B 177 -6.70 -38.50 4.74
C ALA B 177 -6.00 -39.82 4.46
N MET B 178 -5.10 -40.20 5.37
CA MET B 178 -4.34 -41.43 5.27
C MET B 178 -5.13 -42.62 5.84
N SER B 179 -4.45 -43.43 6.65
CA SER B 179 -5.07 -44.59 7.27
C SER B 179 -4.17 -45.02 8.43
N HIS B 180 -4.78 -45.24 9.60
CA HIS B 180 -4.04 -45.64 10.78
C HIS B 180 -4.76 -46.79 11.48
N PRO B 181 -4.00 -47.68 12.14
CA PRO B 181 -4.59 -48.83 12.83
C PRO B 181 -5.71 -48.40 13.79
N GLN B 182 -5.49 -47.31 14.50
CA GLN B 182 -6.47 -46.81 15.46
C GLN B 182 -7.41 -45.80 14.81
N GLY B 183 -7.57 -45.87 13.49
CA GLY B 183 -8.45 -44.95 12.80
C GLY B 183 -7.91 -44.40 11.49
N THR B 184 -7.57 -43.12 11.50
CA THR B 184 -7.04 -42.44 10.33
C THR B 184 -5.84 -41.56 10.68
N GLN B 185 -5.03 -41.21 9.68
CA GLN B 185 -3.85 -40.37 9.88
C GLN B 185 -4.07 -38.99 9.26
N LEU B 186 -3.85 -37.97 10.06
CA LEU B 186 -4.01 -36.59 9.62
C LEU B 186 -2.74 -35.78 9.87
N ARG B 187 -2.38 -34.95 8.92
CA ARG B 187 -1.20 -34.11 9.02
C ARG B 187 -1.58 -32.69 9.46
N VAL B 188 -1.50 -32.42 10.75
CA VAL B 188 -1.82 -31.09 11.29
C VAL B 188 -1.08 -30.82 12.59
N SER B 189 -0.39 -29.68 12.65
CA SER B 189 0.35 -29.30 13.84
C SER B 189 -0.57 -28.54 14.78
N ARG B 190 0.01 -27.99 15.85
CA ARG B 190 -0.75 -27.23 16.84
C ARG B 190 -1.06 -25.86 16.22
N GLN B 191 -0.03 -25.22 15.69
CA GLN B 191 -0.13 -23.90 15.09
C GLN B 191 -1.10 -23.82 13.92
N GLU B 192 -1.11 -24.86 13.10
CA GLU B 192 -1.97 -24.90 11.92
C GLU B 192 -3.43 -25.10 12.33
N LEU B 193 -3.67 -25.87 13.39
CA LEU B 193 -5.02 -26.10 13.85
C LEU B 193 -5.56 -24.77 14.37
N ALA B 194 -4.68 -23.99 15.00
CA ALA B 194 -5.03 -22.69 15.54
C ALA B 194 -5.43 -21.74 14.42
N ARG B 195 -4.66 -21.75 13.32
CA ARG B 195 -4.95 -20.89 12.18
C ARG B 195 -6.33 -21.26 11.59
N LEU B 196 -6.64 -22.54 11.53
CA LEU B 196 -7.92 -23.00 10.97
C LEU B 196 -9.18 -22.59 11.76
N VAL B 197 -9.14 -22.71 13.08
CA VAL B 197 -10.29 -22.36 13.92
C VAL B 197 -10.22 -20.96 14.50
N GLY B 198 -9.14 -20.25 14.22
CA GLY B 198 -8.98 -18.91 14.73
C GLY B 198 -8.77 -18.77 16.23
N CYS B 199 -7.74 -19.44 16.76
CA CYS B 199 -7.42 -19.36 18.18
C CYS B 199 -5.91 -19.35 18.31
N SER B 200 -5.42 -19.37 19.54
CA SER B 200 -3.99 -19.35 19.76
C SER B 200 -3.43 -20.76 19.64
N ARG B 201 -2.15 -20.84 19.31
CA ARG B 201 -1.51 -22.14 19.19
C ARG B 201 -1.57 -22.88 20.53
N GLU B 202 -1.43 -22.16 21.64
CA GLU B 202 -1.46 -22.79 22.96
C GLU B 202 -2.85 -23.35 23.28
N MET B 203 -3.88 -22.56 23.02
CA MET B 203 -5.24 -23.02 23.28
C MET B 203 -5.48 -24.26 22.40
N ALA B 204 -5.12 -24.15 21.12
CA ALA B 204 -5.29 -25.28 20.22
C ALA B 204 -4.57 -26.47 20.86
N GLY B 205 -3.40 -26.22 21.44
CA GLY B 205 -2.65 -27.29 22.08
C GLY B 205 -3.41 -27.84 23.28
N ARG B 206 -3.80 -26.95 24.18
CA ARG B 206 -4.54 -27.37 25.36
C ARG B 206 -5.75 -28.22 24.98
N VAL B 207 -6.43 -27.84 23.90
CA VAL B 207 -7.61 -28.58 23.48
C VAL B 207 -7.25 -29.98 22.96
N LEU B 208 -6.18 -30.06 22.19
CA LEU B 208 -5.73 -31.35 21.67
C LEU B 208 -5.33 -32.23 22.84
N LYS B 209 -4.70 -31.61 23.84
CA LYS B 209 -4.25 -32.34 25.02
C LYS B 209 -5.43 -32.96 25.74
N LYS B 210 -6.51 -32.20 25.85
CA LYS B 210 -7.72 -32.67 26.54
C LYS B 210 -8.54 -33.65 25.70
N LEU B 211 -8.49 -33.52 24.38
CA LEU B 211 -9.24 -34.42 23.51
C LEU B 211 -8.54 -35.77 23.55
N GLN B 212 -7.23 -35.75 23.75
CA GLN B 212 -6.45 -36.98 23.82
C GLN B 212 -6.73 -37.67 25.15
N ALA B 213 -6.66 -36.92 26.24
CA ALA B 213 -6.91 -37.45 27.56
C ALA B 213 -8.29 -38.09 27.64
N ASP B 214 -9.21 -37.64 26.78
CA ASP B 214 -10.57 -38.17 26.76
C ASP B 214 -10.76 -39.37 25.87
N GLY B 215 -9.67 -39.88 25.32
CA GLY B 215 -9.75 -41.04 24.45
C GLY B 215 -10.43 -40.77 23.12
N LEU B 216 -9.97 -39.72 22.44
CA LEU B 216 -10.53 -39.35 21.15
C LEU B 216 -9.46 -39.27 20.05
N LEU B 217 -8.20 -39.08 20.45
CA LEU B 217 -7.10 -38.97 19.49
C LEU B 217 -5.72 -38.96 20.16
N HIS B 218 -4.69 -38.93 19.34
CA HIS B 218 -3.29 -38.93 19.79
C HIS B 218 -2.45 -37.88 19.06
N ALA B 219 -1.90 -36.93 19.80
CA ALA B 219 -1.06 -35.88 19.22
C ALA B 219 0.40 -36.31 19.12
N ARG B 220 0.70 -37.13 18.11
CA ARG B 220 2.05 -37.63 17.89
C ARG B 220 2.91 -36.65 17.09
N GLY B 221 3.40 -35.61 17.75
CA GLY B 221 4.24 -34.63 17.09
C GLY B 221 3.52 -33.68 16.16
N LYS B 222 3.90 -33.70 14.88
CA LYS B 222 3.31 -32.83 13.87
C LYS B 222 2.05 -33.45 13.25
N THR B 223 1.73 -34.68 13.64
CA THR B 223 0.57 -35.37 13.09
C THR B 223 -0.49 -35.67 14.13
N VAL B 224 -1.67 -36.05 13.67
CA VAL B 224 -2.79 -36.37 14.56
C VAL B 224 -3.52 -37.63 14.12
N VAL B 225 -3.89 -38.46 15.07
CA VAL B 225 -4.60 -39.71 14.80
C VAL B 225 -6.04 -39.61 15.32
N LEU B 226 -6.99 -39.48 14.40
CA LEU B 226 -8.40 -39.38 14.78
C LEU B 226 -9.03 -40.76 14.81
N TYR B 227 -9.61 -41.11 15.95
CA TYR B 227 -10.24 -42.41 16.13
C TYR B 227 -11.68 -42.36 15.62
N GLY B 228 -12.01 -43.26 14.69
CA GLY B 228 -13.35 -43.29 14.15
C GLY B 228 -13.83 -41.95 13.61
N ASP C 23 -25.20 -5.82 -19.18
CA ASP C 23 -25.90 -4.65 -19.78
C ASP C 23 -27.39 -4.91 -19.94
N ALA C 24 -28.16 -3.82 -19.96
CA ALA C 24 -29.61 -3.87 -20.10
C ALA C 24 -30.10 -4.94 -21.08
N GLY C 25 -29.32 -5.17 -22.12
CA GLY C 25 -29.70 -6.17 -23.12
C GLY C 25 -29.76 -7.58 -22.55
N THR C 26 -28.64 -8.02 -21.99
CA THR C 26 -28.56 -9.36 -21.40
C THR C 26 -29.63 -9.49 -20.33
N ILE C 27 -29.74 -8.46 -19.49
CA ILE C 27 -30.73 -8.43 -18.41
C ILE C 27 -32.14 -8.77 -18.92
N GLU C 28 -32.66 -7.90 -19.78
CA GLU C 28 -34.00 -8.09 -20.33
C GLU C 28 -34.21 -9.48 -20.91
N ARG C 29 -33.34 -9.87 -21.83
CA ARG C 29 -33.46 -11.18 -22.47
C ARG C 29 -33.42 -12.27 -21.43
N PHE C 30 -32.71 -11.99 -20.34
CA PHE C 30 -32.63 -12.95 -19.25
C PHE C 30 -33.96 -12.94 -18.50
N LEU C 31 -34.48 -11.75 -18.23
CA LEU C 31 -35.74 -11.61 -17.52
C LEU C 31 -36.97 -12.05 -18.30
N ALA C 32 -36.88 -12.05 -19.63
CA ALA C 32 -38.00 -12.48 -20.46
C ALA C 32 -38.41 -13.90 -20.09
N HIS C 33 -37.41 -14.74 -19.82
CA HIS C 33 -37.63 -16.14 -19.47
C HIS C 33 -37.88 -16.34 -17.97
N SER C 34 -37.83 -15.26 -17.20
CA SER C 34 -38.01 -15.35 -15.75
C SER C 34 -39.43 -15.07 -15.26
N HIS C 35 -39.85 -15.81 -14.24
CA HIS C 35 -41.16 -15.60 -13.64
C HIS C 35 -40.94 -14.64 -12.46
N ARG C 36 -41.52 -13.45 -12.55
CA ARG C 36 -41.34 -12.44 -11.50
C ARG C 36 -42.55 -12.23 -10.59
N ARG C 37 -42.45 -12.72 -9.35
CA ARG C 37 -43.53 -12.57 -8.37
C ARG C 37 -43.10 -11.75 -7.16
N ARG C 38 -44.02 -10.95 -6.62
CA ARG C 38 -43.72 -10.12 -5.46
C ARG C 38 -43.79 -10.87 -4.13
N TYR C 39 -43.22 -10.26 -3.09
CA TYR C 39 -43.19 -10.87 -1.75
C TYR C 39 -43.32 -9.78 -0.69
N PRO C 40 -43.95 -10.10 0.45
CA PRO C 40 -44.13 -9.13 1.55
C PRO C 40 -42.78 -8.90 2.22
N THR C 41 -42.73 -7.94 3.12
CA THR C 41 -41.50 -7.67 3.82
C THR C 41 -41.35 -8.78 4.86
N ARG C 42 -40.15 -8.91 5.43
CA ARG C 42 -39.91 -9.91 6.44
C ARG C 42 -40.46 -11.29 6.10
N THR C 43 -40.33 -11.67 4.84
CA THR C 43 -40.80 -12.98 4.39
C THR C 43 -39.59 -13.85 4.05
N ASP C 44 -39.65 -15.13 4.39
CA ASP C 44 -38.55 -16.04 4.08
C ASP C 44 -38.83 -16.74 2.75
N VAL C 45 -38.19 -16.25 1.68
CA VAL C 45 -38.35 -16.80 0.35
C VAL C 45 -37.98 -18.28 0.32
N PHE C 46 -36.94 -18.64 1.07
CA PHE C 46 -36.53 -20.05 1.21
C PHE C 46 -35.62 -20.21 2.44
N ARG C 47 -35.66 -21.39 3.04
CA ARG C 47 -34.87 -21.65 4.23
C ARG C 47 -34.05 -22.92 4.09
N PRO C 48 -33.05 -23.11 4.98
CA PRO C 48 -32.23 -24.33 4.86
C PRO C 48 -33.11 -25.57 4.84
N GLY C 49 -32.92 -26.41 3.83
CA GLY C 49 -33.70 -27.64 3.73
C GLY C 49 -34.68 -27.65 2.59
N ASP C 50 -34.92 -26.49 1.98
CA ASP C 50 -35.86 -26.42 0.86
C ASP C 50 -35.18 -26.83 -0.44
N PRO C 51 -35.97 -27.18 -1.46
CA PRO C 51 -35.42 -27.58 -2.75
C PRO C 51 -34.59 -26.47 -3.37
N ALA C 52 -33.58 -26.86 -4.15
CA ALA C 52 -32.71 -25.92 -4.82
C ALA C 52 -32.77 -26.17 -6.32
N GLY C 53 -33.79 -25.61 -6.95
CA GLY C 53 -33.94 -25.78 -8.38
C GLY C 53 -34.26 -24.49 -9.11
N THR C 54 -34.07 -23.35 -8.41
CA THR C 54 -34.34 -22.06 -9.04
C THR C 54 -33.35 -20.98 -8.66
N LEU C 55 -33.20 -20.02 -9.56
CA LEU C 55 -32.30 -18.90 -9.41
C LEU C 55 -33.15 -17.64 -9.33
N TYR C 56 -32.86 -16.77 -8.36
CA TYR C 56 -33.60 -15.53 -8.18
C TYR C 56 -32.75 -14.34 -8.58
N TYR C 57 -33.43 -13.30 -9.09
CA TYR C 57 -32.79 -12.05 -9.50
C TYR C 57 -33.58 -10.92 -8.84
N VAL C 58 -32.89 -10.10 -8.05
CA VAL C 58 -33.54 -9.01 -7.34
C VAL C 58 -33.89 -7.82 -8.25
N ILE C 59 -35.18 -7.62 -8.47
CA ILE C 59 -35.64 -6.52 -9.30
C ILE C 59 -35.81 -5.27 -8.44
N SER C 60 -36.57 -5.41 -7.36
CA SER C 60 -36.83 -4.30 -6.44
C SER C 60 -36.78 -4.77 -4.99
N GLY C 61 -36.29 -3.91 -4.11
CA GLY C 61 -36.22 -4.25 -2.70
C GLY C 61 -34.84 -4.70 -2.26
N SER C 62 -34.74 -5.12 -1.02
CA SER C 62 -33.47 -5.61 -0.49
C SER C 62 -33.77 -6.85 0.33
N VAL C 63 -32.91 -7.86 0.19
CA VAL C 63 -33.08 -9.11 0.92
C VAL C 63 -31.81 -9.39 1.68
N SER C 64 -31.91 -10.32 2.63
CA SER C 64 -30.75 -10.68 3.42
C SER C 64 -30.53 -12.19 3.42
N ILE C 65 -29.26 -12.60 3.37
CA ILE C 65 -28.89 -14.01 3.39
C ILE C 65 -28.46 -14.27 4.82
N ILE C 66 -29.09 -15.26 5.44
CA ILE C 66 -28.82 -15.58 6.83
C ILE C 66 -28.46 -17.04 7.05
N ALA C 67 -27.36 -17.28 7.75
CA ALA C 67 -26.95 -18.64 8.05
C ALA C 67 -27.58 -18.96 9.40
N GLU C 68 -28.09 -20.17 9.56
CA GLU C 68 -28.72 -20.54 10.82
C GLU C 68 -28.06 -21.75 11.47
N GLU C 69 -28.21 -21.85 12.80
CA GLU C 69 -27.66 -22.96 13.56
C GLU C 69 -28.86 -23.80 13.98
N ASP C 70 -28.62 -24.96 14.58
CA ASP C 70 -29.70 -25.84 15.04
C ASP C 70 -30.24 -25.23 16.34
N ASP C 71 -29.34 -24.54 17.05
CA ASP C 71 -29.65 -23.90 18.31
C ASP C 71 -30.64 -22.77 18.10
N ASP C 72 -30.79 -22.36 16.84
CA ASP C 72 -31.70 -21.28 16.44
C ASP C 72 -30.99 -19.92 16.47
N ARG C 73 -29.67 -19.94 16.34
CA ARG C 73 -28.88 -18.71 16.32
C ARG C 73 -28.80 -18.27 14.85
N GLU C 74 -28.91 -16.97 14.61
CA GLU C 74 -28.83 -16.47 13.23
C GLU C 74 -27.65 -15.55 13.04
N LEU C 75 -27.06 -15.60 11.86
CA LEU C 75 -25.95 -14.76 11.52
C LEU C 75 -26.19 -14.19 10.13
N VAL C 76 -26.44 -12.88 10.05
CA VAL C 76 -26.66 -12.24 8.76
C VAL C 76 -25.34 -12.15 8.02
N LEU C 77 -25.32 -12.65 6.78
CA LEU C 77 -24.12 -12.63 5.95
C LEU C 77 -24.04 -11.43 5.02
N GLY C 78 -25.19 -10.85 4.71
CA GLY C 78 -25.20 -9.68 3.84
C GLY C 78 -26.60 -9.21 3.44
N TYR C 79 -26.65 -8.02 2.86
CA TYR C 79 -27.90 -7.43 2.39
C TYR C 79 -27.72 -7.29 0.88
N PHE C 80 -28.76 -7.59 0.11
CA PHE C 80 -28.64 -7.48 -1.33
C PHE C 80 -29.81 -6.74 -1.97
N GLY C 81 -29.49 -5.90 -2.97
CA GLY C 81 -30.51 -5.12 -3.65
C GLY C 81 -30.74 -5.47 -5.10
N SER C 82 -31.47 -4.60 -5.79
CA SER C 82 -31.80 -4.77 -7.20
C SER C 82 -30.52 -5.09 -7.99
N GLY C 83 -30.63 -6.05 -8.90
CA GLY C 83 -29.49 -6.43 -9.72
C GLY C 83 -28.74 -7.65 -9.23
N GLU C 84 -28.95 -8.02 -7.96
CA GLU C 84 -28.27 -9.16 -7.37
C GLU C 84 -28.91 -10.51 -7.65
N PHE C 85 -28.07 -11.51 -7.87
CA PHE C 85 -28.51 -12.89 -8.08
C PHE C 85 -28.40 -13.56 -6.73
N VAL C 86 -29.44 -14.30 -6.33
CA VAL C 86 -29.39 -15.00 -5.06
C VAL C 86 -29.99 -16.38 -5.25
N GLY C 87 -29.63 -17.30 -4.37
CA GLY C 87 -30.12 -18.66 -4.49
C GLY C 87 -29.46 -19.25 -5.71
N GLU C 88 -28.30 -18.72 -6.05
CA GLU C 88 -27.57 -19.19 -7.22
C GLU C 88 -26.59 -20.32 -6.96
N MET C 89 -26.43 -20.73 -5.70
CA MET C 89 -25.46 -21.79 -5.38
C MET C 89 -25.71 -23.12 -6.08
N GLY C 90 -26.98 -23.54 -6.09
CA GLY C 90 -27.34 -24.78 -6.73
C GLY C 90 -26.90 -24.83 -8.19
N LEU C 91 -26.66 -23.67 -8.80
CA LEU C 91 -26.22 -23.63 -10.21
C LEU C 91 -24.77 -24.03 -10.39
N PHE C 92 -24.03 -24.11 -9.28
CA PHE C 92 -22.61 -24.46 -9.34
C PHE C 92 -22.27 -25.71 -8.54
N ILE C 93 -22.98 -25.94 -7.44
CA ILE C 93 -22.76 -27.08 -6.57
C ILE C 93 -24.01 -27.96 -6.56
N GLU C 94 -23.84 -29.25 -6.86
CA GLU C 94 -24.94 -30.22 -6.90
C GLU C 94 -25.60 -30.31 -5.52
N SER C 95 -26.81 -29.79 -5.41
CA SER C 95 -27.50 -29.81 -4.13
C SER C 95 -29.01 -29.94 -4.28
N ASP C 96 -29.63 -30.62 -3.31
CA ASP C 96 -31.07 -30.82 -3.30
C ASP C 96 -31.69 -29.85 -2.30
N THR C 97 -30.87 -29.36 -1.38
CA THR C 97 -31.32 -28.41 -0.37
C THR C 97 -30.63 -27.04 -0.44
N ARG C 98 -31.25 -26.06 0.20
CA ARG C 98 -30.71 -24.69 0.27
C ARG C 98 -29.80 -24.65 1.49
N GLU C 99 -28.72 -23.89 1.41
CA GLU C 99 -27.77 -23.82 2.51
C GLU C 99 -28.07 -22.70 3.52
N VAL C 100 -28.85 -21.71 3.13
CA VAL C 100 -29.17 -20.60 4.04
C VAL C 100 -30.59 -20.10 3.93
N ILE C 101 -30.85 -18.98 4.58
CA ILE C 101 -32.15 -18.33 4.57
C ILE C 101 -32.10 -17.11 3.66
N LEU C 102 -33.10 -16.97 2.79
CA LEU C 102 -33.20 -15.81 1.91
C LEU C 102 -34.43 -15.10 2.48
N ARG C 103 -34.20 -13.95 3.09
CA ARG C 103 -35.25 -13.19 3.77
C ARG C 103 -35.40 -11.74 3.29
N THR C 104 -36.64 -11.32 3.05
CA THR C 104 -36.88 -9.97 2.59
C THR C 104 -36.79 -8.96 3.73
N ARG C 105 -36.19 -7.82 3.44
CA ARG C 105 -36.02 -6.75 4.41
C ARG C 105 -37.05 -5.67 4.14
N THR C 106 -37.59 -5.70 2.93
CA THR C 106 -38.63 -4.77 2.50
C THR C 106 -39.52 -5.55 1.54
N GLN C 107 -40.50 -4.86 0.97
CA GLN C 107 -41.38 -5.46 -0.01
C GLN C 107 -40.47 -5.77 -1.20
N CYS C 108 -40.66 -6.92 -1.84
CA CYS C 108 -39.77 -7.26 -2.95
C CYS C 108 -40.42 -7.87 -4.17
N GLU C 109 -39.70 -7.69 -5.27
CA GLU C 109 -40.07 -8.28 -6.56
C GLU C 109 -38.81 -9.02 -6.96
N LEU C 110 -38.91 -10.34 -7.03
CA LEU C 110 -37.79 -11.20 -7.38
C LEU C 110 -38.20 -12.02 -8.59
N ALA C 111 -37.30 -12.14 -9.56
CA ALA C 111 -37.58 -12.92 -10.77
C ALA C 111 -36.93 -14.28 -10.63
N GLU C 112 -37.73 -15.34 -10.73
CA GLU C 112 -37.17 -16.68 -10.62
C GLU C 112 -37.09 -17.38 -11.98
N ILE C 113 -36.15 -18.33 -12.07
CA ILE C 113 -35.94 -19.11 -13.29
C ILE C 113 -35.22 -20.38 -12.86
N SER C 114 -35.61 -21.50 -13.46
CA SER C 114 -35.04 -22.80 -13.13
C SER C 114 -33.57 -22.93 -13.52
N TYR C 115 -32.85 -23.77 -12.78
CA TYR C 115 -31.44 -24.03 -13.06
C TYR C 115 -31.34 -24.74 -14.41
N GLU C 116 -32.16 -25.78 -14.56
CA GLU C 116 -32.21 -26.56 -15.79
C GLU C 116 -32.64 -25.65 -16.94
N ARG C 117 -33.72 -24.92 -16.71
CA ARG C 117 -34.24 -23.99 -17.71
C ARG C 117 -33.16 -22.99 -18.11
N LEU C 118 -32.51 -22.39 -17.12
CA LEU C 118 -31.46 -21.43 -17.41
C LEU C 118 -30.35 -22.09 -18.20
N GLN C 119 -30.28 -23.41 -18.14
CA GLN C 119 -29.24 -24.10 -18.87
C GLN C 119 -29.75 -24.50 -20.26
N GLN C 120 -31.00 -24.94 -20.35
CA GLN C 120 -31.58 -25.31 -21.64
C GLN C 120 -31.52 -24.04 -22.50
N LEU C 121 -31.43 -22.89 -21.83
CA LEU C 121 -31.35 -21.62 -22.52
C LEU C 121 -29.89 -21.24 -22.75
N PHE C 122 -29.04 -21.54 -21.77
CA PHE C 122 -27.61 -21.25 -21.88
C PHE C 122 -26.96 -21.95 -23.05
N GLN C 123 -27.46 -23.15 -23.38
CA GLN C 123 -26.89 -23.90 -24.49
C GLN C 123 -27.11 -23.15 -25.81
N THR C 124 -28.29 -22.56 -25.98
CA THR C 124 -28.61 -21.85 -27.20
C THR C 124 -29.22 -20.45 -27.05
N SER C 125 -30.51 -20.39 -26.74
CA SER C 125 -31.25 -19.14 -26.60
C SER C 125 -30.49 -17.93 -26.03
N LEU C 126 -29.67 -18.17 -25.03
CA LEU C 126 -28.91 -17.08 -24.40
C LEU C 126 -27.41 -17.37 -24.40
N SER C 127 -26.99 -18.28 -25.29
CA SER C 127 -25.60 -18.69 -25.42
C SER C 127 -24.61 -17.53 -25.57
N PRO C 128 -25.00 -16.47 -26.30
CA PRO C 128 -24.08 -15.32 -26.46
C PRO C 128 -24.00 -14.54 -25.15
N ASP C 129 -25.01 -14.72 -24.30
CA ASP C 129 -25.08 -14.04 -23.01
C ASP C 129 -24.41 -14.87 -21.92
N ALA C 130 -24.15 -16.14 -22.20
CA ALA C 130 -23.52 -17.02 -21.24
C ALA C 130 -22.33 -16.36 -20.56
N PRO C 131 -21.38 -15.85 -21.36
CA PRO C 131 -20.19 -15.18 -20.80
C PRO C 131 -20.50 -13.96 -19.93
N ARG C 132 -21.50 -13.19 -20.33
CA ARG C 132 -21.88 -11.98 -19.60
C ARG C 132 -22.48 -12.29 -18.23
N ILE C 133 -23.43 -13.22 -18.22
CA ILE C 133 -24.09 -13.62 -16.98
C ILE C 133 -23.11 -14.38 -16.07
N LEU C 134 -22.35 -15.30 -16.62
CA LEU C 134 -21.39 -16.04 -15.81
C LEU C 134 -20.41 -15.07 -15.14
N TYR C 135 -19.98 -14.05 -15.87
CA TYR C 135 -19.06 -13.06 -15.32
C TYR C 135 -19.72 -12.20 -14.25
N ALA C 136 -20.96 -11.78 -14.49
CA ALA C 136 -21.68 -10.95 -13.53
C ALA C 136 -21.87 -11.71 -12.22
N ILE C 137 -22.28 -12.98 -12.30
CA ILE C 137 -22.47 -13.79 -11.10
C ILE C 137 -21.13 -13.96 -10.43
N GLY C 138 -20.08 -14.06 -11.25
CA GLY C 138 -18.73 -14.17 -10.72
C GLY C 138 -18.41 -12.93 -9.88
N VAL C 139 -18.73 -11.75 -10.39
CA VAL C 139 -18.49 -10.51 -9.66
C VAL C 139 -19.17 -10.58 -8.30
N GLN C 140 -20.46 -10.93 -8.32
CA GLN C 140 -21.23 -11.02 -7.11
C GLN C 140 -20.66 -12.07 -6.14
N LEU C 141 -20.36 -13.26 -6.63
CA LEU C 141 -19.78 -14.29 -5.76
C LEU C 141 -18.50 -13.74 -5.11
N SER C 142 -17.66 -13.13 -5.92
CA SER C 142 -16.40 -12.57 -5.41
C SER C 142 -16.62 -11.58 -4.27
N LYS C 143 -17.56 -10.66 -4.44
CA LYS C 143 -17.85 -9.66 -3.41
C LYS C 143 -18.31 -10.31 -2.11
N ARG C 144 -19.27 -11.23 -2.24
CA ARG C 144 -19.77 -11.91 -1.05
C ARG C 144 -18.64 -12.67 -0.39
N LEU C 145 -17.78 -13.31 -1.19
CA LEU C 145 -16.67 -14.06 -0.61
C LEU C 145 -15.76 -13.08 0.12
N LEU C 146 -15.44 -11.97 -0.51
CA LEU C 146 -14.61 -10.96 0.14
C LEU C 146 -15.28 -10.52 1.45
N ASP C 147 -16.56 -10.18 1.40
CA ASP C 147 -17.25 -9.71 2.62
C ASP C 147 -17.35 -10.76 3.72
N THR C 148 -17.57 -12.01 3.33
CA THR C 148 -17.69 -13.08 4.29
C THR C 148 -16.33 -13.43 4.89
N THR C 149 -15.27 -13.30 4.09
CA THR C 149 -13.92 -13.57 4.60
C THR C 149 -13.61 -12.53 5.69
N ARG C 150 -13.79 -11.26 5.36
CA ARG C 150 -13.53 -10.20 6.33
C ARG C 150 -14.42 -10.42 7.55
N LYS C 151 -15.63 -10.93 7.33
CA LYS C 151 -16.54 -11.17 8.44
C LYS C 151 -16.00 -12.27 9.34
N ALA C 152 -15.49 -13.34 8.73
CA ALA C 152 -14.91 -14.44 9.48
C ALA C 152 -13.74 -13.94 10.36
N SER C 153 -12.91 -13.06 9.80
CA SER C 153 -11.78 -12.52 10.56
C SER C 153 -12.25 -11.76 11.79
N ARG C 154 -13.24 -10.89 11.63
CA ARG C 154 -13.75 -10.12 12.76
C ARG C 154 -14.37 -11.00 13.84
N LEU C 155 -15.05 -12.06 13.42
CA LEU C 155 -15.69 -12.97 14.37
C LEU C 155 -14.64 -13.82 15.06
N ALA C 156 -13.55 -14.10 14.37
CA ALA C 156 -12.51 -14.92 14.95
C ALA C 156 -11.67 -14.18 15.97
N PHE C 157 -11.31 -12.95 15.66
CA PHE C 157 -10.45 -12.18 16.55
C PHE C 157 -11.04 -11.00 17.33
N LEU C 158 -11.87 -10.18 16.70
CA LEU C 158 -12.44 -9.03 17.40
C LEU C 158 -13.54 -9.43 18.39
N ASP C 159 -13.60 -8.72 19.51
CA ASP C 159 -14.62 -9.00 20.51
C ASP C 159 -15.94 -8.32 20.11
N VAL C 160 -17.03 -8.72 20.77
CA VAL C 160 -18.37 -8.19 20.49
C VAL C 160 -18.45 -6.66 20.35
N THR C 161 -17.97 -5.94 21.36
CA THR C 161 -18.01 -4.48 21.34
C THR C 161 -17.37 -3.92 20.08
N ASP C 162 -16.11 -4.25 19.83
CA ASP C 162 -15.42 -3.75 18.64
C ASP C 162 -16.22 -4.07 17.40
N ARG C 163 -16.81 -5.26 17.38
CA ARG C 163 -17.59 -5.68 16.24
C ARG C 163 -18.81 -4.82 16.05
N ILE C 164 -19.56 -4.58 17.12
CA ILE C 164 -20.75 -3.75 17.02
C ILE C 164 -20.46 -2.36 16.48
N VAL C 165 -19.26 -1.84 16.75
CA VAL C 165 -18.91 -0.50 16.26
C VAL C 165 -18.75 -0.49 14.74
N ARG C 166 -17.88 -1.36 14.23
CA ARG C 166 -17.63 -1.46 12.79
C ARG C 166 -18.93 -1.60 12.01
N THR C 167 -19.83 -2.43 12.52
CA THR C 167 -21.11 -2.65 11.86
C THR C 167 -21.98 -1.39 11.90
N LEU C 168 -21.87 -0.60 12.96
CA LEU C 168 -22.66 0.63 13.09
C LEU C 168 -22.26 1.69 12.05
N HIS C 169 -20.99 1.68 11.64
CA HIS C 169 -20.51 2.64 10.66
C HIS C 169 -20.81 2.22 9.22
N ASP C 170 -20.96 0.91 8.99
CA ASP C 170 -21.28 0.41 7.66
C ASP C 170 -22.77 0.51 7.36
N LEU C 171 -23.55 0.91 8.36
CA LEU C 171 -24.98 1.09 8.21
C LEU C 171 -25.26 2.60 8.16
N SER C 172 -24.21 3.39 8.40
CA SER C 172 -24.32 4.85 8.38
C SER C 172 -23.98 5.41 7.00
N LYS C 173 -23.33 4.59 6.18
CA LYS C 173 -22.96 5.00 4.83
C LYS C 173 -23.27 3.88 3.84
N GLU C 174 -24.51 3.41 3.86
CA GLU C 174 -24.95 2.34 2.98
C GLU C 174 -25.92 2.91 1.95
N PRO C 175 -26.27 2.12 0.91
CA PRO C 175 -27.20 2.59 -0.12
C PRO C 175 -28.53 3.04 0.47
N GLU C 176 -28.76 2.71 1.74
CA GLU C 176 -29.98 3.08 2.43
C GLU C 176 -30.02 4.60 2.62
N ALA C 177 -28.90 5.26 2.30
CA ALA C 177 -28.78 6.71 2.42
C ALA C 177 -29.05 7.22 3.83
N MET C 178 -28.90 8.53 4.00
CA MET C 178 -29.11 9.21 5.29
C MET C 178 -28.68 10.68 5.25
N SER C 179 -28.54 11.27 6.44
CA SER C 179 -28.11 12.66 6.63
C SER C 179 -28.32 13.03 8.10
N HIS C 180 -29.54 13.45 8.43
CA HIS C 180 -29.91 13.81 9.81
C HIS C 180 -28.84 14.59 10.57
N PRO C 181 -29.00 15.94 10.66
CA PRO C 181 -28.04 16.81 11.36
C PRO C 181 -27.78 16.44 12.83
N GLN C 182 -28.53 15.48 13.35
CA GLN C 182 -28.39 15.05 14.74
C GLN C 182 -27.44 13.85 14.82
N GLY C 183 -27.24 13.18 13.68
CA GLY C 183 -26.36 12.03 13.63
C GLY C 183 -26.38 11.36 12.28
N THR C 184 -26.92 10.14 12.23
CA THR C 184 -27.02 9.39 10.98
C THR C 184 -28.32 8.60 10.97
N GLN C 185 -28.87 8.39 9.77
CA GLN C 185 -30.14 7.67 9.63
C GLN C 185 -29.96 6.16 9.68
N LEU C 186 -29.73 5.65 10.89
CA LEU C 186 -29.57 4.20 11.10
C LEU C 186 -30.92 3.63 11.54
N ARG C 187 -31.38 2.61 10.83
CA ARG C 187 -32.65 1.95 11.12
C ARG C 187 -32.38 0.46 11.32
N VAL C 188 -32.09 0.06 12.57
CA VAL C 188 -31.80 -1.33 12.88
C VAL C 188 -32.12 -1.73 14.32
N SER C 189 -32.77 -2.89 14.48
CA SER C 189 -33.15 -3.40 15.79
C SER C 189 -32.06 -4.20 16.51
N ARG C 190 -32.12 -4.18 17.84
CA ARG C 190 -31.18 -4.91 18.68
C ARG C 190 -31.04 -6.33 18.15
N GLN C 191 -32.13 -6.84 17.62
CA GLN C 191 -32.18 -8.18 17.06
C GLN C 191 -31.31 -8.26 15.82
N GLU C 192 -31.45 -7.29 14.92
CA GLU C 192 -30.67 -7.26 13.68
C GLU C 192 -29.20 -7.05 14.00
N LEU C 193 -28.93 -6.12 14.91
CA LEU C 193 -27.57 -5.83 15.31
C LEU C 193 -26.91 -7.11 15.79
N ALA C 194 -27.70 -7.93 16.48
CA ALA C 194 -27.22 -9.20 17.02
C ALA C 194 -26.95 -10.24 15.95
N ARG C 195 -27.74 -10.23 14.88
CA ARG C 195 -27.58 -11.19 13.78
C ARG C 195 -26.37 -10.80 12.94
N LEU C 196 -26.13 -9.50 12.83
CA LEU C 196 -25.02 -8.96 12.06
C LEU C 196 -23.66 -9.29 12.65
N VAL C 197 -23.50 -9.03 13.94
CA VAL C 197 -22.22 -9.25 14.61
C VAL C 197 -22.09 -10.64 15.20
N GLY C 198 -23.18 -11.39 15.20
CA GLY C 198 -23.15 -12.74 15.73
C GLY C 198 -23.22 -12.85 17.24
N CYS C 199 -24.13 -12.09 17.86
CA CYS C 199 -24.29 -12.13 19.32
C CYS C 199 -25.77 -12.17 19.69
N SER C 200 -26.06 -12.21 20.98
CA SER C 200 -27.43 -12.24 21.48
C SER C 200 -28.01 -10.83 21.53
N ARG C 201 -29.33 -10.76 21.56
CA ARG C 201 -30.01 -9.46 21.59
C ARG C 201 -29.61 -8.70 22.85
N GLU C 202 -29.72 -9.35 23.99
CA GLU C 202 -29.37 -8.73 25.27
C GLU C 202 -27.94 -8.21 25.25
N MET C 203 -27.03 -9.00 24.67
CA MET C 203 -25.63 -8.62 24.58
C MET C 203 -25.49 -7.37 23.73
N ALA C 204 -26.26 -7.27 22.66
CA ALA C 204 -26.20 -6.09 21.81
C ALA C 204 -26.71 -4.90 22.61
N GLY C 205 -27.79 -5.12 23.35
CA GLY C 205 -28.38 -4.08 24.17
C GLY C 205 -27.45 -3.67 25.32
N ARG C 206 -26.71 -4.62 25.87
CA ARG C 206 -25.78 -4.35 26.95
C ARG C 206 -24.66 -3.45 26.42
N VAL C 207 -24.05 -3.88 25.32
CA VAL C 207 -22.97 -3.13 24.69
C VAL C 207 -23.44 -1.74 24.32
N LEU C 208 -24.63 -1.65 23.74
CA LEU C 208 -25.19 -0.37 23.37
C LEU C 208 -25.32 0.54 24.59
N LYS C 209 -25.50 -0.06 25.76
CA LYS C 209 -25.64 0.68 27.02
C LYS C 209 -24.26 0.96 27.65
N LYS C 210 -23.26 0.19 27.26
CA LYS C 210 -21.91 0.36 27.76
C LYS C 210 -21.25 1.45 26.90
N LEU C 211 -21.87 1.69 25.75
CA LEU C 211 -21.40 2.68 24.81
C LEU C 211 -22.28 3.92 24.94
N GLN C 212 -23.55 3.68 25.25
CA GLN C 212 -24.51 4.77 25.46
C GLN C 212 -24.05 5.56 26.68
N ALA C 213 -23.45 4.84 27.62
CA ALA C 213 -22.93 5.44 28.85
C ALA C 213 -21.55 6.04 28.56
N ASP C 214 -21.32 6.34 27.29
CA ASP C 214 -20.06 6.92 26.84
C ASP C 214 -20.40 8.10 25.94
N GLY C 215 -21.70 8.36 25.79
CA GLY C 215 -22.15 9.45 24.95
C GLY C 215 -21.64 9.33 23.54
N LEU C 216 -21.61 8.11 23.02
CA LEU C 216 -21.14 7.87 21.66
C LEU C 216 -22.31 7.62 20.71
N LEU C 217 -23.40 7.12 21.26
CA LEU C 217 -24.59 6.82 20.46
C LEU C 217 -25.85 7.34 21.13
N HIS C 218 -27.00 6.85 20.67
CA HIS C 218 -28.27 7.27 21.21
C HIS C 218 -29.32 6.22 20.85
N ALA C 219 -29.92 5.61 21.86
CA ALA C 219 -30.94 4.58 21.65
C ALA C 219 -32.30 5.20 21.32
N ARG C 220 -32.63 5.27 20.03
CA ARG C 220 -33.89 5.85 19.60
C ARG C 220 -34.90 4.80 19.12
N GLY C 221 -35.27 3.87 19.99
CA GLY C 221 -36.22 2.85 19.62
C GLY C 221 -35.60 1.91 18.61
N LYS C 222 -36.43 1.22 17.83
CA LYS C 222 -35.93 0.28 16.83
C LYS C 222 -35.21 1.01 15.69
N THR C 223 -34.69 2.18 15.99
CA THR C 223 -33.95 3.00 15.03
C THR C 223 -32.70 3.50 15.74
N VAL C 224 -31.67 3.89 14.98
CA VAL C 224 -30.45 4.36 15.61
C VAL C 224 -29.90 5.66 15.07
N VAL C 225 -29.24 6.40 15.97
CA VAL C 225 -28.64 7.70 15.65
C VAL C 225 -27.18 7.71 16.11
N LEU C 226 -26.28 7.62 15.15
CA LEU C 226 -24.84 7.60 15.40
C LEU C 226 -24.25 9.02 15.48
N TYR C 227 -23.21 9.18 16.30
CA TYR C 227 -22.56 10.47 16.46
C TYR C 227 -21.57 10.77 15.33
N GLY C 228 -21.85 11.81 14.55
CA GLY C 228 -20.98 12.18 13.44
C GLY C 228 -21.72 12.15 12.11
N THR C 229 -21.19 11.37 11.16
CA THR C 229 -21.81 11.23 9.83
C THR C 229 -21.83 9.76 9.40
N LEU D 22 27.33 20.29 -20.10
CA LEU D 22 26.91 21.28 -21.12
C LEU D 22 28.08 22.19 -21.48
N ASP D 23 28.19 22.50 -22.78
CA ASP D 23 29.26 23.35 -23.32
C ASP D 23 29.00 24.85 -23.20
N ALA D 24 30.03 25.64 -23.52
CA ALA D 24 29.93 27.09 -23.47
C ALA D 24 29.05 27.63 -24.58
N GLY D 25 28.83 26.79 -25.60
CA GLY D 25 27.98 27.19 -26.70
C GLY D 25 26.52 27.10 -26.34
N THR D 26 26.16 26.04 -25.62
CA THR D 26 24.79 25.83 -25.18
C THR D 26 24.49 26.89 -24.13
N ILE D 27 25.47 27.18 -23.28
CA ILE D 27 25.31 28.16 -22.22
C ILE D 27 25.07 29.57 -22.73
N GLU D 28 25.85 30.00 -23.70
CA GLU D 28 25.71 31.34 -24.27
C GLU D 28 24.35 31.53 -24.94
N ARG D 29 23.92 30.55 -25.73
CA ARG D 29 22.63 30.67 -26.38
C ARG D 29 21.54 30.75 -25.32
N PHE D 30 21.72 29.98 -24.24
CA PHE D 30 20.76 30.00 -23.17
C PHE D 30 20.68 31.38 -22.54
N LEU D 31 21.83 32.03 -22.39
CA LEU D 31 21.90 33.35 -21.79
C LEU D 31 21.40 34.45 -22.74
N ALA D 32 21.50 34.19 -24.04
CA ALA D 32 21.07 35.16 -25.04
C ALA D 32 19.62 35.59 -24.81
N HIS D 33 18.84 34.75 -24.15
CA HIS D 33 17.43 35.06 -23.88
C HIS D 33 17.19 35.42 -22.41
N SER D 34 18.26 35.50 -21.63
CA SER D 34 18.12 35.82 -20.22
C SER D 34 18.42 37.28 -19.86
N HIS D 35 17.94 37.68 -18.69
CA HIS D 35 18.13 39.03 -18.17
C HIS D 35 19.13 38.98 -17.01
N ARG D 36 20.35 39.42 -17.29
CA ARG D 36 21.41 39.43 -16.28
C ARG D 36 21.23 40.62 -15.33
N ARG D 37 21.27 40.36 -14.04
CA ARG D 37 21.13 41.41 -13.05
C ARG D 37 22.12 41.22 -11.91
N ARG D 38 22.76 42.31 -11.50
CA ARG D 38 23.74 42.26 -10.40
C ARG D 38 23.01 42.35 -9.06
N TYR D 39 23.49 41.59 -8.07
CA TYR D 39 22.87 41.60 -6.75
C TYR D 39 23.91 41.89 -5.69
N PRO D 40 23.54 42.68 -4.68
CA PRO D 40 24.49 43.00 -3.61
C PRO D 40 24.60 41.74 -2.75
N THR D 41 25.60 41.69 -1.88
CA THR D 41 25.77 40.54 -0.98
C THR D 41 24.65 40.59 0.07
N ARG D 42 24.50 39.51 0.83
CA ARG D 42 23.47 39.41 1.87
C ARG D 42 22.05 39.76 1.41
N THR D 43 21.80 39.58 0.13
CA THR D 43 20.49 39.88 -0.43
C THR D 43 19.71 38.59 -0.65
N ASP D 44 18.56 38.48 0.01
CA ASP D 44 17.73 37.29 -0.18
C ASP D 44 16.98 37.48 -1.51
N VAL D 45 17.46 36.85 -2.58
CA VAL D 45 16.83 37.00 -3.89
C VAL D 45 15.34 36.62 -3.91
N PHE D 46 14.96 35.66 -3.07
CA PHE D 46 13.55 35.27 -2.93
C PHE D 46 13.38 34.41 -1.68
N ARG D 47 12.24 34.57 -1.02
CA ARG D 47 11.95 33.86 0.22
C ARG D 47 10.71 32.97 0.06
N PRO D 48 10.53 31.99 0.95
CA PRO D 48 9.35 31.14 0.80
C PRO D 48 8.10 32.02 0.70
N GLY D 49 7.26 31.76 -0.29
CA GLY D 49 6.04 32.53 -0.44
C GLY D 49 6.00 33.35 -1.71
N ASP D 50 7.15 33.80 -2.18
CA ASP D 50 7.21 34.61 -3.38
C ASP D 50 6.77 33.87 -4.63
N PRO D 51 6.35 34.61 -5.66
CA PRO D 51 5.92 33.93 -6.89
C PRO D 51 7.08 33.09 -7.40
N ALA D 52 6.77 31.99 -8.08
CA ALA D 52 7.81 31.13 -8.62
C ALA D 52 7.57 30.91 -10.10
N GLY D 53 8.01 31.86 -10.90
CA GLY D 53 7.84 31.73 -12.33
C GLY D 53 9.17 32.02 -13.01
N THR D 54 10.24 32.02 -12.21
CA THR D 54 11.56 32.31 -12.70
C THR D 54 12.66 31.31 -12.31
N LEU D 55 13.59 31.10 -13.23
CA LEU D 55 14.70 30.20 -13.01
C LEU D 55 15.91 31.12 -12.93
N TYR D 56 16.89 30.75 -12.12
CA TYR D 56 18.11 31.55 -12.02
C TYR D 56 19.33 30.73 -12.38
N TYR D 57 20.29 31.38 -13.02
CA TYR D 57 21.55 30.76 -13.39
C TYR D 57 22.63 31.67 -12.80
N VAL D 58 23.44 31.12 -11.90
CA VAL D 58 24.51 31.87 -11.26
C VAL D 58 25.67 32.10 -12.21
N ILE D 59 25.82 33.34 -12.68
CA ILE D 59 26.90 33.67 -13.60
C ILE D 59 28.19 33.91 -12.83
N SER D 60 28.08 34.61 -11.71
CA SER D 60 29.22 34.90 -10.87
C SER D 60 28.69 35.13 -9.48
N GLY D 61 29.50 34.83 -8.49
CA GLY D 61 29.07 35.02 -7.13
C GLY D 61 28.79 33.71 -6.42
N SER D 62 28.41 33.84 -5.16
CA SER D 62 28.12 32.70 -4.32
C SER D 62 26.76 32.97 -3.67
N VAL D 63 25.89 31.97 -3.69
CA VAL D 63 24.57 32.06 -3.09
C VAL D 63 24.36 30.88 -2.15
N SER D 64 23.30 30.95 -1.36
CA SER D 64 23.01 29.87 -0.44
C SER D 64 21.53 29.57 -0.56
N ILE D 65 21.17 28.31 -0.36
CA ILE D 65 19.77 27.90 -0.39
C ILE D 65 19.45 27.59 1.07
N ILE D 66 18.48 28.29 1.63
CA ILE D 66 18.11 28.11 3.02
C ILE D 66 16.65 27.73 3.20
N ALA D 67 16.38 26.86 4.16
CA ALA D 67 15.02 26.42 4.46
C ALA D 67 14.63 27.02 5.81
N GLU D 68 13.37 27.40 5.94
CA GLU D 68 12.88 27.99 7.18
C GLU D 68 11.92 27.07 7.90
N GLU D 69 11.80 27.26 9.21
CA GLU D 69 10.86 26.47 9.99
C GLU D 69 9.88 27.47 10.58
N ASP D 70 9.19 27.08 11.65
CA ASP D 70 8.20 27.98 12.24
C ASP D 70 8.80 28.85 13.33
N ASP D 71 9.50 28.21 14.28
CA ASP D 71 10.13 28.94 15.38
C ASP D 71 11.10 29.99 14.86
N ASP D 72 11.07 30.19 13.55
CA ASP D 72 11.94 31.14 12.87
C ASP D 72 13.39 30.69 13.02
N ARG D 73 13.70 29.58 12.37
CA ARG D 73 15.03 29.02 12.39
C ARG D 73 15.43 28.77 10.94
N GLU D 74 16.73 28.78 10.66
CA GLU D 74 17.19 28.55 9.31
C GLU D 74 18.19 27.41 9.23
N LEU D 75 18.16 26.69 8.12
CA LEU D 75 19.08 25.59 7.88
C LEU D 75 19.64 25.75 6.46
N VAL D 76 20.92 26.06 6.37
CA VAL D 76 21.59 26.20 5.09
C VAL D 76 21.64 24.80 4.48
N LEU D 77 21.17 24.66 3.25
CA LEU D 77 21.18 23.35 2.60
C LEU D 77 22.37 23.25 1.68
N GLY D 78 22.99 24.39 1.40
CA GLY D 78 24.16 24.39 0.53
C GLY D 78 24.56 25.72 -0.07
N TYR D 79 25.79 25.77 -0.58
CA TYR D 79 26.31 26.97 -1.23
C TYR D 79 26.47 26.59 -2.68
N PHE D 80 26.37 27.57 -3.57
CA PHE D 80 26.48 27.29 -4.98
C PHE D 80 27.18 28.41 -5.72
N GLY D 81 28.05 28.04 -6.66
CA GLY D 81 28.78 29.04 -7.42
C GLY D 81 28.41 29.09 -8.89
N SER D 82 29.32 29.68 -9.66
CA SER D 82 29.15 29.83 -11.10
C SER D 82 28.71 28.52 -11.75
N GLY D 83 27.77 28.64 -12.68
CA GLY D 83 27.27 27.47 -13.40
C GLY D 83 26.03 26.82 -12.80
N GLU D 84 25.68 27.19 -11.58
CA GLU D 84 24.53 26.58 -10.92
C GLU D 84 23.18 27.17 -11.29
N PHE D 85 22.20 26.28 -11.44
CA PHE D 85 20.83 26.66 -11.73
C PHE D 85 20.17 26.65 -10.37
N VAL D 86 19.54 27.75 -9.99
CA VAL D 86 18.87 27.81 -8.69
C VAL D 86 17.44 28.30 -8.92
N GLY D 87 16.56 28.02 -7.97
CA GLY D 87 15.15 28.38 -8.12
C GLY D 87 14.52 27.60 -9.26
N GLU D 88 15.01 26.39 -9.47
CA GLU D 88 14.51 25.57 -10.56
C GLU D 88 13.31 24.69 -10.25
N MET D 89 12.94 24.57 -8.98
CA MET D 89 11.83 23.69 -8.60
C MET D 89 10.54 23.90 -9.39
N GLY D 90 10.07 25.14 -9.47
CA GLY D 90 8.85 25.43 -10.21
C GLY D 90 8.88 24.99 -11.67
N LEU D 91 10.07 24.75 -12.21
CA LEU D 91 10.19 24.30 -13.59
C LEU D 91 9.82 22.80 -13.70
N PHE D 92 9.66 22.15 -12.55
CA PHE D 92 9.37 20.73 -12.50
C PHE D 92 8.12 20.41 -11.71
N ILE D 93 7.88 21.17 -10.65
CA ILE D 93 6.73 20.96 -9.82
C ILE D 93 5.90 22.22 -9.80
N GLU D 94 4.97 22.31 -10.76
CA GLU D 94 4.08 23.46 -10.86
C GLU D 94 3.68 23.90 -9.47
N SER D 95 4.11 25.10 -9.09
CA SER D 95 3.80 25.65 -7.79
C SER D 95 3.68 27.15 -7.98
N ASP D 96 2.92 27.80 -7.12
CA ASP D 96 2.74 29.24 -7.25
C ASP D 96 3.80 29.95 -6.41
N THR D 97 4.39 29.23 -5.47
CA THR D 97 5.38 29.83 -4.59
C THR D 97 6.71 29.09 -4.38
N ARG D 98 7.67 29.80 -3.80
CA ARG D 98 8.99 29.26 -3.50
C ARG D 98 8.88 28.49 -2.19
N GLU D 99 9.80 27.57 -1.96
CA GLU D 99 9.78 26.79 -0.73
C GLU D 99 11.04 27.05 0.09
N VAL D 100 12.00 27.78 -0.47
CA VAL D 100 13.24 28.06 0.24
C VAL D 100 13.72 29.48 -0.01
N ILE D 101 14.77 29.86 0.72
CA ILE D 101 15.41 31.16 0.60
C ILE D 101 16.64 31.03 -0.27
N LEU D 102 16.79 31.98 -1.21
CA LEU D 102 17.96 32.06 -2.09
C LEU D 102 18.66 33.34 -1.64
N ARG D 103 19.80 33.18 -0.99
CA ARG D 103 20.55 34.32 -0.44
C ARG D 103 21.98 34.42 -0.96
N THR D 104 22.33 35.59 -1.51
CA THR D 104 23.68 35.83 -2.02
C THR D 104 24.65 35.87 -0.82
N ARG D 105 25.81 35.24 -0.97
CA ARG D 105 26.79 35.24 0.12
C ARG D 105 27.86 36.27 -0.20
N THR D 106 27.90 36.66 -1.47
CA THR D 106 28.83 37.67 -1.97
C THR D 106 28.05 38.45 -3.01
N GLN D 107 28.73 39.38 -3.67
CA GLN D 107 28.09 40.15 -4.73
C GLN D 107 27.88 39.14 -5.86
N CYS D 108 26.73 39.15 -6.52
CA CYS D 108 26.49 38.18 -7.56
C CYS D 108 25.88 38.69 -8.85
N GLU D 109 26.12 37.94 -9.92
CA GLU D 109 25.55 38.24 -11.23
C GLU D 109 24.67 37.01 -11.50
N LEU D 110 23.37 37.21 -11.63
CA LEU D 110 22.46 36.12 -11.88
C LEU D 110 21.64 36.39 -13.13
N ALA D 111 21.55 35.41 -14.01
CA ALA D 111 20.77 35.53 -15.23
C ALA D 111 19.45 34.82 -14.98
N GLU D 112 18.34 35.54 -15.10
CA GLU D 112 17.04 34.94 -14.88
C GLU D 112 16.21 34.83 -16.16
N ILE D 113 15.34 33.82 -16.18
CA ILE D 113 14.45 33.57 -17.31
C ILE D 113 13.20 32.87 -16.78
N SER D 114 12.04 33.33 -17.25
CA SER D 114 10.77 32.76 -16.81
C SER D 114 10.63 31.33 -17.29
N TYR D 115 9.96 30.50 -16.49
CA TYR D 115 9.78 29.11 -16.89
C TYR D 115 9.03 29.04 -18.22
N GLU D 116 7.90 29.73 -18.28
CA GLU D 116 7.06 29.75 -19.46
C GLU D 116 7.83 30.02 -20.74
N ARG D 117 8.70 31.02 -20.69
CA ARG D 117 9.51 31.37 -21.85
C ARG D 117 10.65 30.41 -22.08
N LEU D 118 10.93 29.57 -21.10
CA LEU D 118 12.01 28.60 -21.26
C LEU D 118 11.54 27.43 -22.10
N GLN D 119 10.45 26.79 -21.67
CA GLN D 119 9.90 25.66 -22.39
C GLN D 119 9.39 26.08 -23.77
N GLN D 120 9.00 27.34 -23.91
CA GLN D 120 8.56 27.83 -25.21
C GLN D 120 9.81 27.86 -26.07
N LEU D 121 10.95 28.17 -25.45
CA LEU D 121 12.22 28.20 -26.15
C LEU D 121 12.69 26.76 -26.35
N PHE D 122 12.29 25.88 -25.42
CA PHE D 122 12.66 24.46 -25.50
C PHE D 122 11.95 23.80 -26.67
N GLN D 123 10.91 24.47 -27.17
CA GLN D 123 10.16 23.96 -28.31
C GLN D 123 10.48 24.75 -29.59
N THR D 124 11.39 25.70 -29.49
CA THR D 124 11.81 26.51 -30.63
C THR D 124 13.34 26.50 -30.86
N SER D 125 13.96 27.68 -30.87
CA SER D 125 15.40 27.77 -31.10
C SER D 125 16.29 27.10 -30.06
N LEU D 126 15.71 26.56 -29.00
CA LEU D 126 16.50 25.90 -27.95
C LEU D 126 16.25 24.39 -27.84
N SER D 127 15.33 23.89 -28.64
CA SER D 127 14.99 22.47 -28.65
C SER D 127 16.22 21.55 -28.67
N PRO D 128 17.24 21.88 -29.50
CA PRO D 128 18.45 21.06 -29.57
C PRO D 128 19.30 21.13 -28.30
N ASP D 129 19.12 22.19 -27.54
CA ASP D 129 19.85 22.39 -26.30
C ASP D 129 19.11 21.77 -25.10
N ALA D 130 17.81 21.52 -25.28
CA ALA D 130 16.98 20.94 -24.23
C ALA D 130 17.62 19.74 -23.55
N PRO D 131 18.06 18.73 -24.33
CA PRO D 131 18.69 17.55 -23.73
C PRO D 131 19.84 17.90 -22.78
N ARG D 132 20.77 18.72 -23.24
CA ARG D 132 21.92 19.11 -22.41
C ARG D 132 21.52 19.96 -21.21
N ILE D 133 20.50 20.80 -21.39
CA ILE D 133 20.06 21.66 -20.30
C ILE D 133 19.48 20.79 -19.19
N LEU D 134 18.44 20.04 -19.53
CA LEU D 134 17.77 19.17 -18.57
C LEU D 134 18.75 18.23 -17.85
N TYR D 135 19.68 17.67 -18.60
CA TYR D 135 20.66 16.77 -18.01
C TYR D 135 21.54 17.52 -17.02
N ALA D 136 21.98 18.72 -17.38
CA ALA D 136 22.81 19.50 -16.47
C ALA D 136 22.05 19.75 -15.17
N ILE D 137 20.78 20.14 -15.30
CA ILE D 137 19.95 20.40 -14.13
C ILE D 137 19.81 19.10 -13.34
N GLY D 138 19.73 17.99 -14.08
CA GLY D 138 19.62 16.70 -13.43
C GLY D 138 20.85 16.45 -12.57
N VAL D 139 22.02 16.73 -13.12
CA VAL D 139 23.28 16.57 -12.40
C VAL D 139 23.25 17.38 -11.10
N GLN D 140 22.79 18.62 -11.21
CA GLN D 140 22.76 19.49 -10.05
C GLN D 140 21.72 19.06 -9.03
N LEU D 141 20.57 18.58 -9.49
CA LEU D 141 19.54 18.12 -8.58
C LEU D 141 20.07 16.89 -7.86
N SER D 142 20.79 16.03 -8.57
CA SER D 142 21.33 14.82 -7.96
C SER D 142 22.37 15.09 -6.88
N LYS D 143 23.21 16.11 -7.08
CA LYS D 143 24.22 16.41 -6.07
C LYS D 143 23.60 16.96 -4.79
N ARG D 144 22.60 17.80 -4.95
CA ARG D 144 21.91 18.41 -3.81
C ARG D 144 21.11 17.37 -3.03
N LEU D 145 20.51 16.44 -3.76
CA LEU D 145 19.73 15.38 -3.14
C LEU D 145 20.69 14.54 -2.30
N LEU D 146 21.82 14.17 -2.88
CA LEU D 146 22.80 13.37 -2.17
C LEU D 146 23.28 14.14 -0.94
N ASP D 147 23.60 15.42 -1.13
CA ASP D 147 24.07 16.26 -0.03
C ASP D 147 23.03 16.46 1.08
N THR D 148 21.77 16.69 0.69
CA THR D 148 20.70 16.88 1.67
C THR D 148 20.37 15.57 2.35
N THR D 149 20.41 14.48 1.59
CA THR D 149 20.14 13.18 2.18
C THR D 149 21.16 12.93 3.29
N ARG D 150 22.40 13.32 3.03
CA ARG D 150 23.45 13.14 4.03
C ARG D 150 23.22 14.03 5.24
N LYS D 151 22.74 15.24 5.01
CA LYS D 151 22.48 16.18 6.09
C LYS D 151 21.40 15.64 7.01
N ALA D 152 20.31 15.18 6.43
CA ALA D 152 19.22 14.63 7.22
C ALA D 152 19.75 13.47 8.06
N SER D 153 20.59 12.64 7.45
CA SER D 153 21.15 11.50 8.17
C SER D 153 21.93 12.01 9.38
N ARG D 154 22.71 13.06 9.18
CA ARG D 154 23.52 13.63 10.25
C ARG D 154 22.66 14.31 11.33
N LEU D 155 21.64 15.05 10.90
CA LEU D 155 20.76 15.72 11.85
C LEU D 155 19.96 14.73 12.68
N ALA D 156 19.92 13.49 12.21
CA ALA D 156 19.17 12.46 12.92
C ALA D 156 20.00 11.66 13.91
N PHE D 157 21.23 11.31 13.55
CA PHE D 157 22.06 10.46 14.40
C PHE D 157 23.35 11.03 15.02
N LEU D 158 23.83 12.16 14.53
CA LEU D 158 25.06 12.75 15.07
C LEU D 158 24.79 13.92 15.99
N ASP D 159 25.65 14.10 16.99
CA ASP D 159 25.50 15.20 17.95
C ASP D 159 25.98 16.52 17.38
N VAL D 160 25.54 17.62 17.99
CA VAL D 160 25.89 18.96 17.57
C VAL D 160 27.40 19.11 17.36
N THR D 161 28.15 19.05 18.45
CA THR D 161 29.60 19.17 18.39
C THR D 161 30.13 18.32 17.25
N ASP D 162 29.63 17.10 17.15
CA ASP D 162 30.04 16.18 16.10
C ASP D 162 29.80 16.80 14.72
N ARG D 163 28.58 17.27 14.47
CA ARG D 163 28.23 17.87 13.18
C ARG D 163 29.09 19.10 12.89
N ILE D 164 29.31 19.93 13.89
CA ILE D 164 30.11 21.14 13.71
C ILE D 164 31.54 20.82 13.28
N VAL D 165 32.16 19.83 13.91
CA VAL D 165 33.53 19.44 13.55
C VAL D 165 33.57 19.03 12.08
N ARG D 166 32.66 18.15 11.69
CA ARG D 166 32.57 17.66 10.31
C ARG D 166 32.45 18.83 9.33
N THR D 167 31.57 19.78 9.64
CA THR D 167 31.34 20.95 8.78
C THR D 167 32.54 21.91 8.74
N LEU D 168 33.31 21.95 9.82
CA LEU D 168 34.49 22.81 9.86
C LEU D 168 35.50 22.29 8.85
N HIS D 169 35.56 20.97 8.72
CA HIS D 169 36.49 20.35 7.78
C HIS D 169 36.05 20.45 6.33
N ASP D 170 34.74 20.51 6.10
CA ASP D 170 34.22 20.60 4.74
C ASP D 170 34.61 21.96 4.16
N LEU D 171 34.60 22.99 5.01
CA LEU D 171 34.95 24.33 4.58
C LEU D 171 36.44 24.50 4.38
N SER D 172 37.23 23.72 5.13
CA SER D 172 38.68 23.80 5.02
C SER D 172 39.07 23.45 3.60
N LYS D 173 38.20 22.70 2.93
CA LYS D 173 38.44 22.28 1.55
C LYS D 173 37.73 23.23 0.60
N GLU D 174 37.10 24.26 1.15
CA GLU D 174 36.40 25.23 0.33
C GLU D 174 37.46 26.16 -0.28
N PRO D 175 37.31 26.49 -1.57
CA PRO D 175 38.28 27.37 -2.24
C PRO D 175 38.56 28.63 -1.42
N GLU D 176 37.64 28.99 -0.54
CA GLU D 176 37.79 30.17 0.30
C GLU D 176 38.88 29.95 1.35
N ALA D 177 38.91 28.74 1.90
CA ALA D 177 39.90 28.38 2.92
C ALA D 177 41.24 29.05 2.65
N MET D 178 41.58 30.02 3.49
CA MET D 178 42.85 30.72 3.37
C MET D 178 43.86 30.07 4.33
N SER D 179 44.80 29.31 3.78
CA SER D 179 45.83 28.64 4.58
C SER D 179 46.38 29.55 5.68
N HIS D 180 46.78 28.94 6.80
CA HIS D 180 47.31 29.65 7.97
C HIS D 180 48.50 28.88 8.56
N PRO D 181 49.43 29.57 9.24
CA PRO D 181 50.59 28.93 9.84
C PRO D 181 50.20 27.85 10.87
N GLN D 182 49.01 28.01 11.45
CA GLN D 182 48.50 27.07 12.44
C GLN D 182 47.76 25.92 11.77
N GLY D 183 46.96 26.27 10.77
CA GLY D 183 46.20 25.28 10.04
C GLY D 183 45.55 25.87 8.81
N THR D 184 44.29 26.30 8.95
CA THR D 184 43.55 26.91 7.86
C THR D 184 42.63 27.96 8.45
N GLN D 185 42.59 29.11 7.79
CA GLN D 185 41.75 30.22 8.23
C GLN D 185 40.42 30.18 7.48
N LEU D 186 39.37 29.76 8.18
CA LEU D 186 38.04 29.64 7.59
C LEU D 186 37.09 30.69 8.16
N ARG D 187 36.71 31.65 7.32
CA ARG D 187 35.81 32.71 7.75
C ARG D 187 34.35 32.28 7.74
N VAL D 188 33.85 31.88 8.91
CA VAL D 188 32.46 31.48 9.07
C VAL D 188 31.90 32.03 10.37
N SER D 189 30.93 32.92 10.26
CA SER D 189 30.29 33.53 11.41
C SER D 189 29.58 32.50 12.28
N ARG D 190 29.48 32.80 13.58
CA ARG D 190 28.82 31.90 14.53
C ARG D 190 27.39 31.64 14.09
N GLN D 191 26.78 32.65 13.47
CA GLN D 191 25.41 32.54 12.98
C GLN D 191 25.32 31.50 11.88
N GLU D 192 26.19 31.61 10.87
CA GLU D 192 26.20 30.67 9.75
C GLU D 192 26.53 29.24 10.18
N LEU D 193 27.40 29.10 11.16
CA LEU D 193 27.77 27.77 11.64
C LEU D 193 26.52 27.11 12.18
N ALA D 194 25.79 27.84 13.02
CA ALA D 194 24.57 27.33 13.61
C ALA D 194 23.51 27.03 12.55
N ARG D 195 23.53 27.78 11.45
CA ARG D 195 22.58 27.57 10.37
C ARG D 195 23.01 26.36 9.52
N LEU D 196 24.29 26.06 9.56
CA LEU D 196 24.83 24.93 8.81
C LEU D 196 24.52 23.60 9.45
N VAL D 197 24.73 23.50 10.76
CA VAL D 197 24.50 22.24 11.48
C VAL D 197 23.12 22.12 12.08
N GLY D 198 22.33 23.19 11.98
CA GLY D 198 20.98 23.18 12.52
C GLY D 198 20.95 23.25 14.03
N CYS D 199 21.57 24.28 14.60
CA CYS D 199 21.59 24.47 16.05
C CYS D 199 21.49 25.96 16.35
N SER D 200 21.21 26.31 17.60
CA SER D 200 21.09 27.71 17.97
C SER D 200 22.42 28.43 17.84
N ARG D 201 22.36 29.71 17.46
CA ARG D 201 23.56 30.53 17.31
C ARG D 201 24.40 30.46 18.57
N GLU D 202 23.72 30.32 19.69
CA GLU D 202 24.36 30.23 20.99
C GLU D 202 25.09 28.89 21.17
N MET D 203 24.37 27.78 21.04
CA MET D 203 24.97 26.45 21.19
C MET D 203 26.21 26.35 20.31
N ALA D 204 26.09 26.84 19.08
CA ALA D 204 27.21 26.80 18.15
C ALA D 204 28.42 27.50 18.77
N GLY D 205 28.15 28.49 19.61
CA GLY D 205 29.23 29.20 20.26
C GLY D 205 29.87 28.34 21.33
N ARG D 206 29.03 27.71 22.14
CA ARG D 206 29.49 26.84 23.21
C ARG D 206 30.47 25.79 22.70
N VAL D 207 30.26 25.31 21.48
CA VAL D 207 31.12 24.30 20.90
C VAL D 207 32.39 24.91 20.29
N LEU D 208 32.30 26.16 19.85
CA LEU D 208 33.46 26.81 19.27
C LEU D 208 34.48 27.14 20.36
N LYS D 209 33.98 27.40 21.57
CA LYS D 209 34.85 27.73 22.68
C LYS D 209 35.42 26.42 23.24
N LYS D 210 34.57 25.41 23.36
CA LYS D 210 34.98 24.10 23.86
C LYS D 210 36.05 23.50 22.95
N LEU D 211 36.04 23.92 21.68
CA LEU D 211 37.02 23.43 20.72
C LEU D 211 38.26 24.35 20.76
N GLN D 212 38.07 25.55 21.29
CA GLN D 212 39.16 26.52 21.42
C GLN D 212 39.96 26.12 22.67
N ALA D 213 39.32 25.34 23.53
CA ALA D 213 39.93 24.85 24.76
C ALA D 213 40.62 23.53 24.42
N ASP D 214 39.85 22.62 23.85
CA ASP D 214 40.35 21.31 23.45
C ASP D 214 41.61 21.38 22.57
N GLY D 215 42.01 22.58 22.19
CA GLY D 215 43.19 22.75 21.37
C GLY D 215 43.10 22.14 19.98
N LEU D 216 42.42 22.84 19.07
CA LEU D 216 42.27 22.36 17.72
C LEU D 216 41.82 23.47 16.77
N LEU D 217 41.54 24.65 17.35
CA LEU D 217 41.12 25.81 16.57
C LEU D 217 41.10 27.06 17.44
N HIS D 218 41.10 28.22 16.80
CA HIS D 218 41.08 29.50 17.51
C HIS D 218 39.88 30.34 17.07
N ALA D 219 38.91 30.52 17.98
CA ALA D 219 37.71 31.31 17.68
C ALA D 219 38.03 32.80 17.62
N ARG D 220 38.47 33.25 16.44
CA ARG D 220 38.84 34.64 16.21
C ARG D 220 37.70 35.54 15.74
N GLY D 221 36.95 36.08 16.69
CA GLY D 221 35.85 36.98 16.40
C GLY D 221 34.89 36.65 15.27
N LYS D 222 35.35 36.81 14.03
CA LYS D 222 34.50 36.53 12.87
C LYS D 222 35.04 35.34 12.08
N THR D 223 36.32 35.04 12.28
CA THR D 223 36.96 33.93 11.58
C THR D 223 37.33 32.77 12.50
N VAL D 224 37.70 31.64 11.90
CA VAL D 224 38.09 30.44 12.64
C VAL D 224 39.35 29.82 12.07
N VAL D 225 40.36 29.65 12.93
CA VAL D 225 41.60 29.04 12.47
C VAL D 225 41.65 27.60 12.94
N LEU D 226 41.22 26.69 12.09
CA LEU D 226 41.21 25.26 12.41
C LEU D 226 42.62 24.71 12.39
N TYR D 227 43.14 24.37 13.57
CA TYR D 227 44.49 23.81 13.66
C TYR D 227 44.54 22.52 12.88
N GLY D 228 45.70 22.26 12.27
CA GLY D 228 45.86 21.04 11.50
C GLY D 228 45.55 21.21 10.04
N THR D 229 44.42 20.65 9.60
CA THR D 229 44.02 20.70 8.21
C THR D 229 43.32 22.02 7.82
#